data_7LEN
#
_entry.id   7LEN
#
_cell.length_a   77.737
_cell.length_b   86.600
_cell.length_c   197.795
_cell.angle_alpha   90.000
_cell.angle_beta   90.000
_cell.angle_gamma   90.000
#
_symmetry.space_group_name_H-M   'P 21 21 21'
#
loop_
_entity.id
_entity.type
_entity.pdbx_description
1 polymer 'Isoform 4 of Epidermal growth factor receptor'
2 polymer Proepiregulin
3 branched 2-acetamido-2-deoxy-beta-D-glucopyranose-(1-4)-2-acetamido-2-deoxy-beta-D-glucopyranose
4 branched alpha-D-mannopyranose-(1-3)-beta-D-mannopyranose-(1-4)-2-acetamido-2-deoxy-beta-D-glucopyranose-(1-4)-2-acetamido-2-deoxy-beta-D-glucopyranose
5 branched 2-acetamido-2-deoxy-beta-D-glucopyranose-(1-6)-2-acetamido-2-deoxy-beta-D-glucopyranose
6 branched alpha-D-mannopyranose-(1-3)-[alpha-D-mannopyranose-(1-6)]beta-D-mannopyranose-(1-4)-2-acetamido-2-deoxy-beta-D-glucopyranose-(1-4)-2-acetamido-2-deoxy-beta-D-glucopyranose
7 non-polymer 2-acetamido-2-deoxy-beta-D-glucopyranose
#
loop_
_entity_poly.entity_id
_entity_poly.type
_entity_poly.pdbx_seq_one_letter_code
_entity_poly.pdbx_strand_id
1 'polypeptide(L)'
;LEEKKVCQGTSNKLTQLGTFEDHFLSLQRMFNNCEVVLGNLEITYVQRNYDLSFLKTIQEVAGYVLIALNTVERIPLENL
QIIKGNMYYENSYALAVLSNYDANKTGLKELPMRNLQEILHGAVRFSNNPALCNVESIQWRDIVSSDFLSNMSMDFQNHL
GSCQKCDPSCPNGSCWGAGEENCQKLTKIICAQQCSGRCRGKSPSDCCHNQCAAGCTGPRESDCLVCRKFRDEATCKDTC
PPLMLYNPTTYQMDVNPEGKYSFGATCVKKCPRNYVVTDHGSCVRACGADSYEMEEDGVRKCKKCEGPCRKVCNGIGIGE
FKDSLSINATNIKHFKNCTSISGDLHILPVAFRGDSFTHTPPLDPQELDILKTVKEITGFLLIQAWPENRTDLHAFENLE
IIRGRTKQHGQFSLAVVSLNITSLGLRSLKEISDGDVIISGNKNLCYANTINWKKLFGTSGQKTKIISNRGENSCKATGQ
VCHALCSPEGCWGPEPRDCVSHHHHHH
;
A,B
2 'polypeptide(L)' VSITKCSSDMNGYCLHGQCIYLVDMSQNYCRCEVGYTGVRCEHFFLTV C,D
#
loop_
_chem_comp.id
_chem_comp.type
_chem_comp.name
_chem_comp.formula
BMA D-saccharide, beta linking beta-D-mannopyranose 'C6 H12 O6'
MAN D-saccharide, alpha linking alpha-D-mannopyranose 'C6 H12 O6'
NAG D-saccharide, beta linking 2-acetamido-2-deoxy-beta-D-glucopyranose 'C8 H15 N O6'
#
# COMPACT_ATOMS: atom_id res chain seq x y z
N GLU A 3 -4.47 21.56 -10.48
CA GLU A 3 -4.54 22.81 -11.24
C GLU A 3 -4.72 22.54 -12.74
N LYS A 4 -4.93 21.27 -13.10
CA LYS A 4 -5.16 20.89 -14.49
C LYS A 4 -6.62 21.10 -14.82
N LYS A 5 -6.89 21.87 -15.89
CA LYS A 5 -8.26 22.14 -16.31
C LYS A 5 -8.93 20.85 -16.77
N VAL A 6 -10.20 20.70 -16.39
CA VAL A 6 -10.86 19.39 -16.36
C VAL A 6 -12.28 19.51 -16.88
N CYS A 7 -12.70 18.54 -17.70
CA CYS A 7 -14.06 18.50 -18.24
C CYS A 7 -14.58 17.06 -18.25
N GLN A 8 -15.91 16.96 -18.27
CA GLN A 8 -16.61 15.67 -18.10
C GLN A 8 -16.57 14.79 -19.34
N GLY A 9 -16.51 15.39 -20.53
CA GLY A 9 -16.70 14.64 -21.76
C GLY A 9 -18.17 14.39 -22.04
N THR A 10 -18.42 13.69 -23.15
CA THR A 10 -19.77 13.36 -23.56
C THR A 10 -19.86 11.89 -23.95
N SER A 11 -21.07 11.34 -23.89
CA SER A 11 -21.34 9.97 -24.28
C SER A 11 -22.50 9.91 -25.27
N ASN A 12 -22.68 10.96 -26.07
CA ASN A 12 -23.84 11.01 -26.96
C ASN A 12 -23.71 10.07 -28.16
N LYS A 13 -22.48 9.65 -28.49
CA LYS A 13 -22.26 8.57 -29.47
C LYS A 13 -23.03 8.84 -30.76
N LEU A 14 -22.59 9.84 -31.50
CA LEU A 14 -23.04 10.06 -32.86
C LEU A 14 -24.45 10.62 -32.92
N THR A 15 -25.11 10.82 -31.78
CA THR A 15 -26.41 11.48 -31.75
C THR A 15 -26.22 12.99 -31.83
N GLN A 16 -27.17 13.66 -32.48
CA GLN A 16 -27.09 15.09 -32.74
C GLN A 16 -27.94 15.86 -31.73
N LEU A 17 -27.37 16.92 -31.16
CA LEU A 17 -28.06 17.80 -30.23
C LEU A 17 -28.54 19.02 -31.01
N GLY A 18 -29.82 19.02 -31.40
CA GLY A 18 -30.37 20.12 -32.15
C GLY A 18 -29.81 20.22 -33.55
N THR A 19 -29.91 21.42 -34.12
CA THR A 19 -29.30 21.66 -35.42
C THR A 19 -27.79 21.74 -35.29
N PHE A 20 -27.12 21.83 -36.43
CA PHE A 20 -25.65 21.83 -36.43
C PHE A 20 -25.10 23.00 -35.63
N GLU A 21 -25.82 24.12 -35.59
CA GLU A 21 -25.45 25.23 -34.71
C GLU A 21 -25.53 24.82 -33.25
N ASP A 22 -26.73 24.38 -32.80
CA ASP A 22 -26.92 23.93 -31.43
C ASP A 22 -25.89 22.89 -31.03
N HIS A 23 -25.64 21.93 -31.92
CA HIS A 23 -24.65 20.90 -31.65
C HIS A 23 -23.28 21.50 -31.43
N PHE A 24 -22.85 22.39 -32.32
CA PHE A 24 -21.53 23.03 -32.15
C PHE A 24 -21.48 23.82 -30.86
N LEU A 25 -22.57 24.51 -30.51
CA LEU A 25 -22.56 25.32 -29.31
C LEU A 25 -22.41 24.46 -28.06
N SER A 26 -23.14 23.34 -28.00
CA SER A 26 -22.98 22.42 -26.88
C SER A 26 -21.57 21.85 -26.82
N LEU A 27 -21.03 21.44 -27.98
CA LEU A 27 -19.68 20.88 -28.02
C LEU A 27 -18.65 21.89 -27.53
N GLN A 28 -18.77 23.15 -27.96
CA GLN A 28 -17.81 24.18 -27.59
C GLN A 28 -17.94 24.56 -26.12
N ARG A 29 -19.18 24.67 -25.62
CA ARG A 29 -19.37 24.93 -24.20
C ARG A 29 -18.76 23.82 -23.35
N MET A 30 -18.87 22.58 -23.81
CA MET A 30 -18.33 21.45 -23.05
C MET A 30 -16.80 21.53 -22.94
N PHE A 31 -16.10 21.63 -24.07
CA PHE A 31 -14.65 21.39 -24.14
C PHE A 31 -13.83 22.68 -24.28
N ASN A 32 -14.38 23.80 -23.82
CA ASN A 32 -13.69 25.08 -23.75
C ASN A 32 -12.63 25.11 -22.66
N ASN A 33 -11.38 25.35 -23.03
CA ASN A 33 -10.25 25.45 -22.08
C ASN A 33 -10.13 24.22 -21.20
N CYS A 34 -10.49 23.06 -21.75
CA CYS A 34 -10.35 21.78 -21.07
C CYS A 34 -9.02 21.14 -21.42
N GLU A 35 -8.38 20.53 -20.43
CA GLU A 35 -7.11 19.84 -20.61
C GLU A 35 -7.18 18.34 -20.36
N VAL A 36 -8.00 17.89 -19.41
CA VAL A 36 -8.16 16.47 -19.10
C VAL A 36 -9.65 16.14 -19.18
N VAL A 37 -10.00 15.19 -20.04
CA VAL A 37 -11.38 14.83 -20.28
C VAL A 37 -11.61 13.54 -19.51
N LEU A 38 -12.48 13.56 -18.49
CA LEU A 38 -12.59 12.35 -17.67
C LEU A 38 -13.40 11.28 -18.37
N GLY A 39 -14.20 11.66 -19.36
CA GLY A 39 -14.99 10.70 -20.10
C GLY A 39 -14.52 10.61 -21.53
N ASN A 40 -15.45 10.59 -22.46
CA ASN A 40 -15.12 10.45 -23.87
C ASN A 40 -15.06 11.81 -24.55
N LEU A 41 -14.25 11.89 -25.60
CA LEU A 41 -14.09 13.10 -26.40
C LEU A 41 -14.76 12.84 -27.74
N GLU A 42 -15.91 13.47 -27.97
CA GLU A 42 -16.76 13.17 -29.13
C GLU A 42 -16.89 14.40 -30.02
N ILE A 43 -16.13 14.42 -31.10
CA ILE A 43 -16.15 15.51 -32.08
C ILE A 43 -16.96 15.01 -33.27
N THR A 44 -18.22 15.43 -33.36
CA THR A 44 -19.12 14.99 -34.41
C THR A 44 -19.97 16.15 -34.91
N TYR A 45 -20.21 16.15 -36.23
CA TYR A 45 -21.24 16.96 -36.88
C TYR A 45 -20.85 18.43 -36.97
N VAL A 46 -19.57 18.73 -37.15
CA VAL A 46 -19.10 20.10 -37.10
C VAL A 46 -18.98 20.55 -38.55
N GLN A 47 -19.78 21.54 -38.95
CA GLN A 47 -19.91 21.93 -40.36
C GLN A 47 -18.74 22.81 -40.80
N ARG A 48 -18.51 22.85 -42.11
CA ARG A 48 -17.37 23.58 -42.67
C ARG A 48 -17.40 25.04 -42.22
N ASN A 49 -16.21 25.63 -42.10
CA ASN A 49 -16.03 27.02 -41.68
C ASN A 49 -16.49 27.25 -40.25
N TYR A 50 -16.25 26.28 -39.37
CA TYR A 50 -16.52 26.41 -37.95
C TYR A 50 -15.20 26.26 -37.20
N ASP A 51 -14.92 27.23 -36.34
CA ASP A 51 -13.62 27.31 -35.68
C ASP A 51 -13.56 26.36 -34.49
N LEU A 52 -12.68 25.36 -34.56
CA LEU A 52 -12.47 24.41 -33.48
C LEU A 52 -11.19 24.70 -32.71
N SER A 53 -11.00 25.96 -32.33
CA SER A 53 -9.75 26.39 -31.70
C SER A 53 -9.61 25.85 -30.29
N PHE A 54 -10.71 25.74 -29.56
CA PHE A 54 -10.64 25.23 -28.19
C PHE A 54 -10.06 23.82 -28.12
N LEU A 55 -10.24 23.00 -29.16
CA LEU A 55 -9.65 21.66 -29.17
C LEU A 55 -8.14 21.69 -29.00
N LYS A 56 -7.54 22.86 -29.11
CA LYS A 56 -6.08 22.90 -29.07
C LYS A 56 -5.58 22.73 -27.66
N THR A 57 -6.47 22.81 -26.66
CA THR A 57 -6.10 22.73 -25.26
C THR A 57 -6.16 21.32 -24.68
N ILE A 58 -6.95 20.42 -25.27
CA ILE A 58 -7.12 19.10 -24.65
C ILE A 58 -5.85 18.28 -24.86
N GLN A 59 -5.32 17.75 -23.76
CA GLN A 59 -4.06 17.02 -23.78
C GLN A 59 -4.19 15.56 -23.37
N GLU A 60 -5.26 15.18 -22.67
CA GLU A 60 -5.45 13.83 -22.18
C GLU A 60 -6.94 13.48 -22.22
N VAL A 61 -7.22 12.21 -22.53
CA VAL A 61 -8.59 11.69 -22.56
C VAL A 61 -8.61 10.36 -21.84
N ALA A 62 -9.51 10.22 -20.87
CA ALA A 62 -9.55 9.00 -20.07
C ALA A 62 -10.30 7.86 -20.79
N GLY A 63 -11.42 8.18 -21.44
CA GLY A 63 -12.21 7.19 -22.13
C GLY A 63 -11.79 6.95 -23.58
N TYR A 64 -12.68 7.21 -24.51
CA TYR A 64 -12.38 7.02 -25.93
C TYR A 64 -12.52 8.35 -26.68
N VAL A 65 -11.94 8.41 -27.87
CA VAL A 65 -12.05 9.58 -28.73
C VAL A 65 -12.72 9.19 -30.04
N LEU A 66 -13.82 9.87 -30.33
CA LEU A 66 -14.67 9.65 -31.49
C LEU A 66 -14.60 10.89 -32.36
N ILE A 67 -14.37 10.71 -33.66
CA ILE A 67 -14.36 11.82 -34.62
C ILE A 67 -15.16 11.37 -35.82
N ALA A 68 -16.35 11.91 -36.00
CA ALA A 68 -17.22 11.36 -37.02
C ALA A 68 -18.14 12.41 -37.64
N LEU A 69 -18.39 12.25 -38.94
CA LEU A 69 -19.39 13.03 -39.67
C LEU A 69 -19.15 14.53 -39.55
N ASN A 70 -17.89 14.92 -39.54
CA ASN A 70 -17.51 16.33 -39.58
C ASN A 70 -17.18 16.72 -41.00
N THR A 71 -17.82 17.78 -41.48
CA THR A 71 -17.43 18.39 -42.75
C THR A 71 -16.50 19.58 -42.55
N VAL A 72 -16.13 19.88 -41.31
CA VAL A 72 -15.05 20.85 -41.08
C VAL A 72 -13.79 20.36 -41.76
N GLU A 73 -12.93 21.31 -42.13
CA GLU A 73 -11.72 21.00 -42.86
C GLU A 73 -10.56 20.62 -41.96
N ARG A 74 -10.51 21.15 -40.74
CA ARG A 74 -9.40 20.91 -39.83
C ARG A 74 -9.90 20.72 -38.40
N ILE A 75 -9.31 19.76 -37.73
CA ILE A 75 -9.53 19.49 -36.32
C ILE A 75 -8.19 19.55 -35.61
N PRO A 76 -7.91 20.61 -34.85
CA PRO A 76 -6.57 20.82 -34.29
C PRO A 76 -6.40 20.21 -32.90
N LEU A 77 -6.52 18.89 -32.82
CA LEU A 77 -6.11 18.15 -31.62
C LEU A 77 -4.58 18.02 -31.60
N GLU A 78 -3.92 19.18 -31.68
CA GLU A 78 -2.47 19.20 -31.78
C GLU A 78 -1.83 18.61 -30.53
N ASN A 79 -2.41 18.87 -29.36
CA ASN A 79 -1.76 18.57 -28.09
C ASN A 79 -2.32 17.34 -27.37
N LEU A 80 -3.10 16.51 -28.05
CA LEU A 80 -3.60 15.29 -27.42
C LEU A 80 -2.45 14.28 -27.29
N GLN A 81 -2.04 14.00 -26.05
CA GLN A 81 -0.86 13.20 -25.76
C GLN A 81 -1.19 11.73 -25.53
N ILE A 82 -2.33 11.45 -24.90
CA ILE A 82 -2.69 10.13 -24.39
C ILE A 82 -4.20 9.95 -24.40
N ILE A 83 -4.62 8.75 -24.78
CA ILE A 83 -5.98 8.26 -24.60
C ILE A 83 -5.88 7.00 -23.74
N LYS A 84 -6.40 7.07 -22.52
CA LYS A 84 -6.24 5.96 -21.58
C LYS A 84 -7.12 4.77 -21.93
N GLY A 85 -8.18 4.97 -22.70
CA GLY A 85 -9.02 3.86 -23.11
C GLY A 85 -9.75 3.18 -21.97
N ASN A 86 -10.21 3.95 -20.99
CA ASN A 86 -11.00 3.41 -19.87
C ASN A 86 -12.38 2.97 -20.28
N MET A 87 -12.63 2.97 -21.58
CA MET A 87 -13.96 2.80 -22.15
C MET A 87 -13.80 2.75 -23.65
N TYR A 88 -14.49 1.80 -24.30
CA TYR A 88 -14.30 1.58 -25.73
C TYR A 88 -15.51 2.06 -26.51
N TYR A 89 -15.24 2.61 -27.69
CA TYR A 89 -16.27 2.77 -28.70
C TYR A 89 -16.45 1.44 -29.43
N GLU A 90 -17.68 0.93 -29.43
CA GLU A 90 -18.01 -0.39 -29.99
C GLU A 90 -17.16 -1.51 -29.37
N ASN A 91 -16.80 -1.36 -28.10
CA ASN A 91 -16.21 -2.43 -27.29
C ASN A 91 -14.85 -2.91 -27.83
N SER A 92 -14.16 -2.09 -28.63
CA SER A 92 -12.76 -2.38 -28.98
C SER A 92 -11.96 -1.16 -29.47
N TYR A 93 -12.48 0.05 -29.39
CA TYR A 93 -11.78 1.19 -29.98
C TYR A 93 -11.67 2.34 -28.99
N ALA A 94 -10.43 2.79 -28.77
CA ALA A 94 -10.17 4.03 -28.05
C ALA A 94 -10.01 5.23 -28.97
N LEU A 95 -9.96 5.01 -30.28
CA LEU A 95 -9.94 6.09 -31.25
C LEU A 95 -10.68 5.61 -32.49
N ALA A 96 -11.79 6.27 -32.81
CA ALA A 96 -12.63 5.91 -33.95
C ALA A 96 -12.92 7.15 -34.77
N VAL A 97 -12.23 7.30 -35.91
CA VAL A 97 -12.48 8.37 -36.86
C VAL A 97 -13.18 7.77 -38.07
N LEU A 98 -14.32 8.36 -38.45
CA LEU A 98 -15.32 7.63 -39.21
C LEU A 98 -16.19 8.61 -40.02
N SER A 99 -16.05 8.58 -41.35
CA SER A 99 -16.93 9.25 -42.32
C SER A 99 -16.96 10.77 -42.17
N ASN A 100 -15.80 11.40 -42.19
CA ASN A 100 -15.74 12.86 -42.07
C ASN A 100 -15.76 13.46 -43.47
N TYR A 101 -16.97 13.70 -43.98
CA TYR A 101 -17.12 14.22 -45.34
C TYR A 101 -18.52 14.78 -45.52
N ASP A 102 -18.65 15.65 -46.53
CA ASP A 102 -19.94 16.15 -46.98
C ASP A 102 -20.33 15.44 -48.28
N ALA A 103 -21.63 15.49 -48.59
CA ALA A 103 -22.15 14.77 -49.75
C ALA A 103 -21.61 15.29 -51.07
N ASN A 104 -20.90 16.42 -51.07
CA ASN A 104 -20.26 16.96 -52.26
C ASN A 104 -18.76 16.67 -52.30
N LYS A 105 -18.34 15.55 -51.70
CA LYS A 105 -16.97 15.05 -51.79
C LYS A 105 -15.94 16.09 -51.31
N THR A 106 -16.09 16.48 -50.05
CA THR A 106 -15.14 17.36 -49.39
C THR A 106 -15.24 17.13 -47.89
N GLY A 107 -14.40 17.81 -47.13
CA GLY A 107 -14.48 17.72 -45.68
C GLY A 107 -13.15 17.63 -44.96
N LEU A 108 -13.12 16.86 -43.88
CA LEU A 108 -11.97 16.84 -42.99
C LEU A 108 -10.71 16.41 -43.71
N LYS A 109 -9.64 17.18 -43.52
CA LYS A 109 -8.38 16.92 -44.20
C LYS A 109 -7.20 17.00 -43.23
N GLU A 110 -7.28 17.90 -42.26
CA GLU A 110 -6.16 18.17 -41.35
C GLU A 110 -6.49 17.64 -39.96
N LEU A 111 -5.79 16.59 -39.54
CA LEU A 111 -5.90 16.03 -38.20
C LEU A 111 -4.49 15.91 -37.63
N PRO A 112 -3.93 17.03 -37.14
CA PRO A 112 -2.52 17.06 -36.74
C PRO A 112 -2.29 16.65 -35.28
N MET A 113 -2.59 15.39 -34.96
CA MET A 113 -2.36 14.85 -33.63
C MET A 113 -0.87 14.52 -33.43
N ARG A 114 -0.03 15.55 -33.56
CA ARG A 114 1.41 15.33 -33.52
C ARG A 114 1.89 14.81 -32.18
N ASN A 115 1.11 14.98 -31.11
CA ASN A 115 1.54 14.62 -29.77
C ASN A 115 0.97 13.30 -29.27
N LEU A 116 0.12 12.64 -30.06
CA LEU A 116 -0.48 11.37 -29.61
C LEU A 116 0.57 10.27 -29.67
N GLN A 117 1.05 9.86 -28.49
CA GLN A 117 2.12 8.88 -28.39
C GLN A 117 1.77 7.65 -27.58
N GLU A 118 0.53 7.53 -27.09
CA GLU A 118 0.19 6.40 -26.23
C GLU A 118 -1.31 6.15 -26.27
N ILE A 119 -1.66 4.88 -26.42
CA ILE A 119 -3.02 4.37 -26.19
C ILE A 119 -2.87 3.28 -25.15
N LEU A 120 -3.28 3.52 -23.91
CA LEU A 120 -3.08 2.49 -22.88
C LEU A 120 -3.89 1.24 -23.17
N HIS A 121 -5.17 1.40 -23.46
CA HIS A 121 -6.02 0.26 -23.76
C HIS A 121 -6.85 0.55 -25.01
N GLY A 122 -6.95 -0.45 -25.88
CA GLY A 122 -7.84 -0.37 -27.01
C GLY A 122 -7.10 -0.24 -28.34
N ALA A 123 -7.89 -0.33 -29.40
CA ALA A 123 -7.44 -0.26 -30.77
C ALA A 123 -8.04 0.98 -31.43
N VAL A 124 -7.66 1.23 -32.68
CA VAL A 124 -8.12 2.40 -33.42
C VAL A 124 -8.72 1.95 -34.75
N ARG A 125 -9.73 2.67 -35.22
CA ARG A 125 -10.40 2.33 -36.48
C ARG A 125 -10.63 3.57 -37.31
N PHE A 126 -10.19 3.54 -38.57
CA PHE A 126 -10.36 4.62 -39.53
C PHE A 126 -11.17 4.11 -40.72
N SER A 127 -12.18 4.86 -41.12
CA SER A 127 -12.98 4.44 -42.26
C SER A 127 -13.70 5.65 -42.86
N ASN A 128 -13.73 5.69 -44.20
CA ASN A 128 -14.58 6.60 -44.97
C ASN A 128 -14.24 8.06 -44.72
N ASN A 129 -12.95 8.36 -44.61
CA ASN A 129 -12.47 9.73 -44.53
C ASN A 129 -11.83 10.08 -45.86
N PRO A 130 -12.59 10.61 -46.82
CA PRO A 130 -12.08 10.78 -48.18
C PRO A 130 -11.09 11.94 -48.31
N ALA A 131 -11.46 13.11 -47.79
CA ALA A 131 -10.59 14.26 -47.85
C ALA A 131 -9.46 14.20 -46.83
N LEU A 132 -9.46 13.22 -45.94
CA LEU A 132 -8.48 13.16 -44.87
C LEU A 132 -7.07 13.02 -45.44
N CYS A 133 -6.18 13.91 -45.00
CA CYS A 133 -4.83 13.96 -45.50
C CYS A 133 -3.86 13.43 -44.45
N ASN A 134 -2.96 12.58 -44.92
CA ASN A 134 -1.63 12.30 -44.41
C ASN A 134 -1.71 11.20 -43.35
N VAL A 135 -2.91 10.74 -43.00
CA VAL A 135 -3.07 9.82 -41.89
C VAL A 135 -2.78 8.38 -42.29
N GLU A 136 -2.71 8.07 -43.58
CA GLU A 136 -2.30 6.73 -44.00
C GLU A 136 -0.82 6.52 -43.76
N SER A 137 -0.14 7.50 -43.17
CA SER A 137 1.30 7.47 -42.97
C SER A 137 1.71 6.99 -41.59
N ILE A 138 0.85 7.16 -40.57
CA ILE A 138 1.26 6.96 -39.19
C ILE A 138 1.40 5.47 -38.93
N GLN A 139 2.52 5.06 -38.35
CA GLN A 139 2.68 3.69 -37.93
C GLN A 139 2.16 3.56 -36.50
N TRP A 140 1.05 2.83 -36.35
CA TRP A 140 0.37 2.76 -35.06
C TRP A 140 0.93 1.69 -34.14
N ARG A 141 1.83 0.83 -34.64
CA ARG A 141 2.46 -0.16 -33.78
C ARG A 141 3.18 0.49 -32.61
N ASP A 142 3.65 1.73 -32.79
CA ASP A 142 4.34 2.44 -31.73
C ASP A 142 3.38 2.94 -30.66
N ILE A 143 2.24 3.50 -31.08
CA ILE A 143 1.33 4.16 -30.15
C ILE A 143 0.49 3.13 -29.37
N VAL A 144 -0.10 2.18 -30.08
CA VAL A 144 -1.03 1.24 -29.48
C VAL A 144 -0.24 0.13 -28.76
N SER A 145 -0.84 -0.39 -27.68
CA SER A 145 -0.27 -1.54 -26.99
C SER A 145 -0.28 -2.76 -27.89
N SER A 146 0.65 -3.67 -27.65
CA SER A 146 0.76 -4.88 -28.46
C SER A 146 -0.39 -5.85 -28.20
N ASP A 147 -1.02 -5.77 -27.04
CA ASP A 147 -2.18 -6.62 -26.74
C ASP A 147 -3.43 -6.23 -27.51
N PHE A 148 -3.39 -5.18 -28.36
CA PHE A 148 -4.57 -4.73 -29.09
C PHE A 148 -4.32 -4.64 -30.60
N LEU A 149 -3.13 -5.02 -31.06
CA LEU A 149 -2.76 -4.85 -32.46
C LEU A 149 -3.70 -5.62 -33.39
N SER A 150 -4.22 -6.76 -32.95
CA SER A 150 -5.11 -7.52 -33.83
C SER A 150 -6.47 -6.86 -34.02
N ASN A 151 -6.93 -6.00 -33.09
CA ASN A 151 -8.29 -5.44 -33.21
C ASN A 151 -8.41 -4.19 -34.07
N MET A 152 -7.28 -3.68 -34.55
CA MET A 152 -7.31 -2.51 -35.47
C MET A 152 -8.01 -2.92 -36.76
N SER A 153 -8.73 -1.99 -37.40
CA SER A 153 -9.52 -2.25 -38.60
C SER A 153 -9.63 -0.90 -39.29
N MET A 154 -8.63 -0.57 -40.07
CA MET A 154 -8.45 0.82 -40.45
C MET A 154 -8.02 0.84 -41.89
N ASP A 155 -8.98 1.23 -42.72
CA ASP A 155 -8.95 1.05 -44.16
C ASP A 155 -8.66 2.42 -44.76
N PHE A 156 -7.38 2.79 -44.60
CA PHE A 156 -6.80 4.07 -45.04
C PHE A 156 -6.85 4.16 -46.55
N GLN A 157 -7.88 4.81 -47.10
CA GLN A 157 -7.86 5.27 -48.49
C GLN A 157 -8.47 6.66 -48.61
N ASN A 158 -8.07 7.35 -49.67
CA ASN A 158 -8.58 8.69 -49.95
C ASN A 158 -8.85 8.82 -51.44
N HIS A 159 -9.86 9.61 -51.76
CA HIS A 159 -10.20 9.92 -53.14
C HIS A 159 -9.71 11.30 -53.56
N LEU A 160 -9.36 12.17 -52.61
CA LEU A 160 -8.90 13.51 -52.96
C LEU A 160 -7.49 13.47 -53.53
N GLY A 161 -6.54 12.95 -52.74
CA GLY A 161 -5.17 12.80 -53.19
C GLY A 161 -4.35 14.07 -53.25
N SER A 162 -4.96 15.23 -53.03
CA SER A 162 -4.25 16.51 -53.08
C SER A 162 -3.71 16.88 -51.69
N CYS A 163 -2.86 16.00 -51.18
CA CYS A 163 -2.23 16.17 -49.87
C CYS A 163 -0.73 16.36 -50.04
N GLN A 164 -0.19 17.37 -49.37
CA GLN A 164 1.25 17.59 -49.40
C GLN A 164 1.97 16.44 -48.71
N LYS A 165 2.94 15.85 -49.40
CA LYS A 165 3.67 14.71 -48.85
C LYS A 165 4.36 15.09 -47.55
N CYS A 166 4.56 14.09 -46.69
CA CYS A 166 5.23 14.32 -45.42
C CYS A 166 6.62 14.88 -45.65
N ASP A 167 7.00 15.85 -44.83
CA ASP A 167 8.30 16.50 -44.98
C ASP A 167 9.41 15.45 -44.99
N PRO A 168 10.41 15.59 -45.86
CA PRO A 168 11.48 14.58 -45.91
C PRO A 168 12.19 14.37 -44.58
N SER A 169 12.03 15.29 -43.62
CA SER A 169 12.66 15.14 -42.32
C SER A 169 11.98 14.10 -41.45
N CYS A 170 10.74 13.71 -41.76
CA CYS A 170 10.00 12.79 -40.90
C CYS A 170 10.57 11.38 -41.02
N PRO A 171 10.91 10.72 -39.92
CA PRO A 171 11.37 9.33 -39.98
C PRO A 171 10.33 8.41 -40.61
N ASN A 172 10.75 7.67 -41.64
CA ASN A 172 9.96 6.65 -42.33
C ASN A 172 8.74 7.22 -43.04
N GLY A 173 8.70 8.54 -43.26
CA GLY A 173 7.59 9.14 -43.97
C GLY A 173 6.30 9.19 -43.19
N SER A 174 6.36 9.10 -41.87
CA SER A 174 5.18 9.05 -41.03
C SER A 174 4.94 10.41 -40.38
N CYS A 175 3.79 11.02 -40.67
CA CYS A 175 3.49 12.36 -40.18
C CYS A 175 1.98 12.53 -40.11
N TRP A 176 1.55 13.46 -39.27
CA TRP A 176 0.13 13.71 -39.05
C TRP A 176 -0.43 14.78 -39.98
N GLY A 177 0.40 15.72 -40.41
CA GLY A 177 -0.04 16.82 -41.25
C GLY A 177 1.08 17.28 -42.15
N ALA A 178 1.00 18.52 -42.61
CA ALA A 178 2.06 19.10 -43.41
C ALA A 178 3.03 19.87 -42.52
N GLY A 179 4.28 19.96 -42.95
CA GLY A 179 5.31 20.66 -42.23
C GLY A 179 6.24 19.71 -41.48
N GLU A 180 7.45 20.20 -41.22
CA GLU A 180 8.43 19.44 -40.47
C GLU A 180 8.06 19.31 -38.99
N GLU A 181 6.99 19.97 -38.55
CA GLU A 181 6.54 19.96 -37.17
C GLU A 181 5.55 18.86 -36.87
N ASN A 182 4.92 18.28 -37.89
CA ASN A 182 3.88 17.27 -37.72
C ASN A 182 4.41 15.85 -37.84
N CYS A 183 5.73 15.66 -37.77
CA CYS A 183 6.29 14.33 -37.92
C CYS A 183 6.04 13.48 -36.67
N GLN A 184 5.99 12.17 -36.88
CA GLN A 184 5.69 11.25 -35.79
C GLN A 184 6.89 11.07 -34.87
N LYS A 185 6.66 11.13 -33.57
CA LYS A 185 7.70 10.89 -32.58
C LYS A 185 7.55 9.47 -32.05
N LEU A 186 8.58 8.64 -32.19
CA LEU A 186 8.47 7.28 -31.65
C LEU A 186 9.04 7.21 -30.26
N THR A 187 8.28 6.58 -29.37
CA THR A 187 8.64 6.42 -27.98
C THR A 187 8.60 4.97 -27.54
N LYS A 188 8.28 4.02 -28.42
CA LYS A 188 8.23 2.60 -28.06
C LYS A 188 8.99 1.75 -29.08
N ILE A 189 8.72 1.96 -30.36
CA ILE A 189 9.31 1.10 -31.38
C ILE A 189 10.81 1.29 -31.47
N ILE A 190 11.25 2.56 -31.51
CA ILE A 190 12.67 2.89 -31.69
C ILE A 190 13.46 2.64 -30.41
N CYS A 191 12.77 2.22 -29.35
CA CYS A 191 13.42 2.07 -28.05
C CYS A 191 14.43 0.92 -28.07
N ALA A 192 15.46 1.08 -27.24
CA ALA A 192 16.52 0.08 -27.13
C ALA A 192 15.99 -1.21 -26.52
N GLN A 193 16.82 -2.25 -26.56
CA GLN A 193 16.42 -3.54 -26.02
C GLN A 193 16.40 -3.52 -24.50
N GLN A 194 17.28 -2.75 -23.86
CA GLN A 194 17.37 -2.72 -22.41
C GLN A 194 16.32 -1.84 -21.75
N CYS A 195 15.53 -1.09 -22.53
CA CYS A 195 14.53 -0.22 -21.94
C CYS A 195 13.45 -1.02 -21.22
N SER A 196 12.88 -0.40 -20.19
CA SER A 196 11.74 -0.99 -19.49
C SER A 196 10.46 -0.84 -20.31
N GLY A 197 10.23 0.36 -20.86
CA GLY A 197 9.06 0.60 -21.67
C GLY A 197 9.25 1.78 -22.61
N ARG A 198 8.68 2.92 -22.26
CA ARG A 198 8.79 4.12 -23.08
C ARG A 198 10.21 4.69 -23.01
N CYS A 199 10.53 5.56 -23.97
CA CYS A 199 11.86 6.14 -24.05
C CYS A 199 11.85 7.33 -25.00
N ARG A 200 12.91 8.13 -24.92
CA ARG A 200 13.08 9.29 -25.80
C ARG A 200 13.86 8.97 -27.06
N GLY A 201 14.75 7.97 -27.00
CA GLY A 201 15.55 7.60 -28.14
C GLY A 201 16.11 6.21 -27.95
N LYS A 202 16.81 5.72 -28.98
CA LYS A 202 17.36 4.38 -28.97
C LYS A 202 18.52 4.24 -27.98
N SER A 203 18.99 5.32 -27.38
CA SER A 203 20.09 5.22 -26.43
C SER A 203 19.58 4.69 -25.09
N PRO A 204 20.37 3.86 -24.39
CA PRO A 204 19.96 3.43 -23.05
C PRO A 204 19.85 4.58 -22.06
N SER A 205 20.48 5.73 -22.36
CA SER A 205 20.30 6.90 -21.51
C SER A 205 18.87 7.41 -21.55
N ASP A 206 18.23 7.33 -22.71
CA ASP A 206 16.90 7.88 -22.92
C ASP A 206 15.78 6.92 -22.54
N CYS A 207 16.09 5.76 -21.97
CA CYS A 207 15.06 4.84 -21.52
C CYS A 207 14.24 5.49 -20.41
N CYS A 208 12.95 5.70 -20.68
CA CYS A 208 12.09 6.39 -19.72
C CYS A 208 11.67 5.44 -18.60
N HIS A 209 11.28 6.04 -17.46
CA HIS A 209 10.71 5.30 -16.35
C HIS A 209 9.51 4.50 -16.81
N ASN A 210 9.27 3.35 -16.16
CA ASN A 210 8.17 2.49 -16.58
C ASN A 210 6.80 3.14 -16.37
N GLN A 211 6.72 4.10 -15.44
CA GLN A 211 5.47 4.80 -15.17
C GLN A 211 5.19 5.92 -16.17
N CYS A 212 6.16 6.29 -17.00
CA CYS A 212 5.94 7.32 -18.00
C CYS A 212 5.10 6.73 -19.13
N ALA A 213 3.93 7.33 -19.37
CA ALA A 213 2.99 6.79 -20.35
C ALA A 213 3.29 7.25 -21.77
N ALA A 214 3.38 8.57 -21.99
CA ALA A 214 3.69 9.08 -23.32
C ALA A 214 5.18 9.04 -23.60
N GLY A 215 5.99 9.29 -22.58
CA GLY A 215 7.43 9.44 -22.74
C GLY A 215 7.96 10.21 -21.55
N CYS A 216 9.12 10.82 -21.73
CA CYS A 216 9.70 11.58 -20.62
C CYS A 216 10.72 12.58 -21.14
N THR A 217 11.14 13.47 -20.23
CA THR A 217 12.23 14.40 -20.47
C THR A 217 13.31 14.16 -19.42
N GLY A 218 13.70 12.90 -19.25
CA GLY A 218 14.58 12.50 -18.19
C GLY A 218 14.09 11.22 -17.54
N PRO A 219 15.00 10.37 -17.10
CA PRO A 219 14.62 9.02 -16.66
C PRO A 219 14.00 8.96 -15.27
N ARG A 220 13.92 10.08 -14.55
CA ARG A 220 13.37 10.06 -13.21
C ARG A 220 11.85 9.95 -13.25
N GLU A 221 11.28 9.69 -12.06
CA GLU A 221 9.85 9.49 -11.93
C GLU A 221 9.11 10.76 -12.27
N SER A 222 9.65 11.88 -11.80
CA SER A 222 9.05 13.20 -11.91
C SER A 222 9.26 13.84 -13.27
N ASP A 223 10.01 13.18 -14.16
CA ASP A 223 10.29 13.73 -15.49
C ASP A 223 9.43 13.09 -16.58
N CYS A 224 8.32 12.45 -16.20
CA CYS A 224 7.44 11.81 -17.17
C CYS A 224 6.60 12.84 -17.91
N LEU A 225 6.15 12.47 -19.12
CA LEU A 225 5.23 13.31 -19.87
C LEU A 225 3.81 13.15 -19.38
N VAL A 226 3.37 11.90 -19.18
CA VAL A 226 2.05 11.59 -18.62
C VAL A 226 2.24 10.41 -17.66
N CYS A 227 1.39 10.31 -16.64
CA CYS A 227 1.50 9.19 -15.68
C CYS A 227 0.75 7.95 -16.16
N ARG A 228 1.34 6.77 -15.97
CA ARG A 228 0.68 5.50 -16.39
C ARG A 228 -0.38 5.09 -15.38
N LYS A 229 -0.07 5.15 -14.07
CA LYS A 229 -1.01 4.68 -13.08
C LYS A 229 -1.52 5.83 -12.23
N PHE A 230 -0.75 6.22 -11.20
CA PHE A 230 -1.15 7.27 -10.28
C PHE A 230 -0.20 8.45 -10.41
N ARG A 231 -0.71 9.64 -10.08
CA ARG A 231 0.08 10.87 -10.11
C ARG A 231 0.08 11.48 -8.72
N ASP A 232 1.18 11.26 -7.99
CA ASP A 232 1.46 11.87 -6.69
C ASP A 232 2.24 13.16 -6.86
N GLU A 233 1.57 14.29 -6.64
CA GLU A 233 2.14 15.62 -6.83
C GLU A 233 2.71 15.71 -8.24
N ALA A 234 4.03 15.79 -8.37
CA ALA A 234 4.69 15.84 -9.66
C ALA A 234 5.48 14.58 -9.97
N THR A 235 5.04 13.44 -9.44
CA THR A 235 5.76 12.17 -9.57
C THR A 235 4.78 11.07 -9.96
N CYS A 236 5.15 10.30 -10.98
CA CYS A 236 4.33 9.17 -11.41
C CYS A 236 4.62 7.96 -10.54
N LYS A 237 3.58 7.41 -9.93
CA LYS A 237 3.69 6.29 -9.00
C LYS A 237 2.85 5.12 -9.47
N ASP A 238 3.41 3.92 -9.32
CA ASP A 238 2.66 2.70 -9.64
C ASP A 238 1.42 2.56 -8.76
N THR A 239 1.56 2.89 -7.49
CA THR A 239 0.44 2.90 -6.56
C THR A 239 0.71 3.98 -5.52
N CYS A 240 -0.36 4.54 -4.98
CA CYS A 240 -0.20 5.64 -4.02
C CYS A 240 0.59 5.16 -2.81
N PRO A 241 1.43 6.01 -2.23
CA PRO A 241 2.16 5.64 -1.02
C PRO A 241 1.20 5.40 0.12
N PRO A 242 1.24 4.21 0.72
CA PRO A 242 0.29 3.90 1.79
C PRO A 242 0.54 4.75 3.04
N LEU A 243 -0.49 4.86 3.87
CA LEU A 243 -0.36 5.62 5.10
C LEU A 243 0.56 4.95 6.10
N MET A 244 0.75 3.64 5.99
CA MET A 244 1.68 2.92 6.87
C MET A 244 2.48 1.92 6.05
N LEU A 245 3.74 1.75 6.44
CA LEU A 245 4.68 0.85 5.77
C LEU A 245 5.16 -0.21 6.74
N TYR A 246 5.34 -1.43 6.24
CA TYR A 246 5.85 -2.53 7.04
C TYR A 246 7.31 -2.32 7.39
N ASN A 247 7.72 -2.85 8.55
CA ASN A 247 9.10 -2.78 8.99
C ASN A 247 9.70 -4.18 8.94
N PRO A 248 10.52 -4.51 7.94
CA PRO A 248 11.07 -5.88 7.85
C PRO A 248 11.92 -6.28 9.03
N THR A 249 12.35 -5.32 9.85
CA THR A 249 13.20 -5.62 11.00
C THR A 249 12.39 -5.86 12.27
N THR A 250 11.42 -5.01 12.56
CA THR A 250 10.67 -5.11 13.80
C THR A 250 9.42 -5.98 13.64
N TYR A 251 9.02 -6.24 12.40
CA TYR A 251 7.86 -7.03 12.02
C TYR A 251 6.54 -6.30 12.27
N GLN A 252 6.59 -4.98 12.50
CA GLN A 252 5.38 -4.21 12.78
C GLN A 252 5.18 -3.12 11.74
N MET A 253 4.00 -2.49 11.80
CA MET A 253 3.59 -1.44 10.87
C MET A 253 4.01 -0.08 11.45
N ASP A 254 4.69 0.73 10.64
CA ASP A 254 5.08 2.08 11.04
C ASP A 254 4.38 3.11 10.16
N VAL A 255 4.30 4.34 10.68
CA VAL A 255 3.63 5.41 9.94
C VAL A 255 4.51 5.87 8.78
N ASN A 256 3.89 6.09 7.61
CA ASN A 256 4.60 6.60 6.44
C ASN A 256 4.41 8.11 6.37
N PRO A 257 5.48 8.91 6.47
CA PRO A 257 5.30 10.36 6.39
C PRO A 257 4.87 10.84 5.03
N GLU A 258 5.32 10.20 3.96
CA GLU A 258 4.92 10.53 2.59
C GLU A 258 3.63 9.84 2.18
N GLY A 259 2.83 9.37 3.14
CA GLY A 259 1.62 8.65 2.81
C GLY A 259 0.58 9.52 2.14
N LYS A 260 -0.26 8.88 1.32
CA LYS A 260 -1.26 9.60 0.55
C LYS A 260 -2.51 8.74 0.42
N TYR A 261 -3.65 9.41 0.25
CA TYR A 261 -4.92 8.75 0.01
C TYR A 261 -5.14 8.60 -1.50
N SER A 262 -5.58 7.41 -1.89
CA SER A 262 -5.89 7.14 -3.30
C SER A 262 -7.24 7.76 -3.64
N PHE A 263 -7.23 8.73 -4.55
CA PHE A 263 -8.47 9.35 -5.03
C PHE A 263 -8.39 9.46 -6.55
N GLY A 264 -9.25 8.71 -7.24
CA GLY A 264 -9.17 8.67 -8.70
C GLY A 264 -7.82 8.15 -9.14
N ALA A 265 -7.17 8.88 -10.05
CA ALA A 265 -5.81 8.59 -10.47
C ALA A 265 -4.80 9.52 -9.81
N THR A 266 -5.12 10.03 -8.63
CA THR A 266 -4.26 10.97 -7.92
C THR A 266 -4.06 10.50 -6.48
N CYS A 267 -2.99 11.00 -5.88
CA CYS A 267 -2.68 10.76 -4.48
C CYS A 267 -2.87 12.09 -3.75
N VAL A 268 -3.93 12.18 -2.96
CA VAL A 268 -4.32 13.42 -2.31
C VAL A 268 -4.07 13.31 -0.81
N LYS A 269 -3.91 14.46 -0.17
CA LYS A 269 -3.67 14.48 1.28
C LYS A 269 -4.96 14.25 2.07
N LYS A 270 -6.12 14.42 1.46
CA LYS A 270 -7.39 14.20 2.15
C LYS A 270 -8.49 13.91 1.15
N CYS A 271 -9.34 12.94 1.49
CA CYS A 271 -10.51 12.62 0.69
C CYS A 271 -11.44 13.85 0.64
N PRO A 272 -12.35 13.91 -0.34
CA PRO A 272 -13.27 15.02 -0.39
C PRO A 272 -14.34 14.89 0.69
N ARG A 273 -14.93 16.00 1.10
CA ARG A 273 -15.86 16.02 2.27
C ARG A 273 -16.94 14.95 2.27
N ASN A 274 -17.56 14.62 1.13
CA ASN A 274 -18.72 13.75 1.19
C ASN A 274 -18.42 12.32 0.77
N TYR A 275 -17.15 11.98 0.54
CA TYR A 275 -16.80 10.62 0.18
C TYR A 275 -16.48 9.79 1.42
N VAL A 276 -16.32 8.48 1.21
CA VAL A 276 -16.04 7.55 2.28
C VAL A 276 -14.54 7.23 2.25
N VAL A 277 -14.02 6.70 3.35
CA VAL A 277 -12.62 6.34 3.48
C VAL A 277 -12.53 4.89 3.96
N THR A 278 -11.80 4.07 3.21
CA THR A 278 -11.54 2.70 3.63
C THR A 278 -10.33 2.64 4.56
N ASP A 279 -10.15 1.48 5.20
CA ASP A 279 -8.99 1.28 6.05
C ASP A 279 -7.69 1.33 5.25
N HIS A 280 -7.75 0.95 3.98
CA HIS A 280 -6.58 1.01 3.10
C HIS A 280 -6.11 2.44 2.83
N GLY A 281 -6.85 3.45 3.29
CA GLY A 281 -6.50 4.83 3.01
C GLY A 281 -6.92 5.30 1.64
N SER A 282 -8.10 4.89 1.18
CA SER A 282 -8.54 5.14 -0.19
C SER A 282 -9.94 5.74 -0.19
N CYS A 283 -10.14 6.76 -1.03
CA CYS A 283 -11.40 7.50 -1.11
C CYS A 283 -12.35 6.77 -2.04
N VAL A 284 -13.43 6.22 -1.49
CA VAL A 284 -14.36 5.38 -2.25
C VAL A 284 -15.72 6.05 -2.34
N ARG A 285 -16.47 5.66 -3.37
CA ARG A 285 -17.83 6.15 -3.58
C ARG A 285 -18.88 5.28 -2.91
N ALA A 286 -18.53 4.05 -2.53
CA ALA A 286 -19.45 3.16 -1.83
C ALA A 286 -18.64 2.03 -1.20
N CYS A 287 -19.23 1.41 -0.19
CA CYS A 287 -18.63 0.25 0.47
C CYS A 287 -19.25 -1.02 -0.09
N GLY A 288 -18.47 -2.09 -0.07
CA GLY A 288 -18.95 -3.38 -0.55
C GLY A 288 -20.14 -3.88 0.26
N ALA A 289 -20.78 -4.90 -0.27
CA ALA A 289 -21.91 -5.50 0.42
C ALA A 289 -21.48 -6.06 1.76
N ASP A 290 -22.43 -6.15 2.69
CA ASP A 290 -22.16 -6.51 4.08
C ASP A 290 -21.15 -5.55 4.71
N SER A 291 -21.31 -4.26 4.42
CA SER A 291 -20.48 -3.21 4.97
C SER A 291 -21.23 -1.89 4.88
N TYR A 292 -21.09 -1.06 5.91
CA TYR A 292 -21.95 0.09 6.10
C TYR A 292 -21.09 1.34 6.25
N GLU A 293 -21.71 2.51 6.06
CA GLU A 293 -21.06 3.80 6.15
C GLU A 293 -21.30 4.41 7.52
N MET A 294 -20.29 5.09 8.07
CA MET A 294 -20.49 5.70 9.37
C MET A 294 -19.39 6.73 9.64
N GLU A 295 -19.73 7.73 10.45
CA GLU A 295 -18.81 8.77 10.86
C GLU A 295 -18.34 8.51 12.28
N GLU A 296 -17.07 8.81 12.57
CA GLU A 296 -16.51 8.33 13.83
C GLU A 296 -15.62 9.36 14.56
N ASP A 297 -14.75 10.07 13.85
CA ASP A 297 -14.00 11.16 14.46
C ASP A 297 -13.71 12.24 13.44
N GLY A 298 -14.76 12.70 12.75
CA GLY A 298 -14.59 13.61 11.64
C GLY A 298 -14.30 12.94 10.33
N VAL A 299 -14.52 11.63 10.23
CA VAL A 299 -14.16 10.84 9.05
C VAL A 299 -15.34 9.93 8.73
N ARG A 300 -15.83 10.02 7.49
CA ARG A 300 -16.78 9.04 6.99
C ARG A 300 -16.02 7.82 6.48
N LYS A 301 -16.38 6.63 6.97
CA LYS A 301 -15.59 5.44 6.73
C LYS A 301 -16.49 4.22 6.66
N CYS A 302 -15.98 3.18 6.00
CA CYS A 302 -16.66 1.89 5.88
C CYS A 302 -16.33 1.01 7.07
N LYS A 303 -17.31 0.22 7.49
CA LYS A 303 -17.07 -0.78 8.54
C LYS A 303 -17.85 -2.04 8.20
N LYS A 304 -17.28 -3.19 8.57
CA LYS A 304 -17.95 -4.45 8.34
C LYS A 304 -19.06 -4.65 9.38
N CYS A 305 -20.01 -5.51 9.04
CA CYS A 305 -21.13 -5.84 9.91
C CYS A 305 -21.15 -7.36 10.15
N GLU A 306 -21.20 -7.76 11.41
CA GLU A 306 -21.16 -9.16 11.77
C GLU A 306 -22.45 -9.92 11.45
N GLY A 307 -23.45 -9.24 10.88
CA GLY A 307 -24.73 -9.88 10.62
C GLY A 307 -25.81 -8.91 10.20
N PRO A 308 -26.25 -8.05 11.14
CA PRO A 308 -27.37 -7.15 10.84
C PRO A 308 -26.93 -5.79 10.35
N CYS A 309 -27.02 -5.58 9.04
CA CYS A 309 -26.75 -4.28 8.43
C CYS A 309 -27.66 -4.11 7.24
N ARG A 310 -27.62 -2.92 6.62
CA ARG A 310 -28.62 -2.53 5.64
C ARG A 310 -28.46 -3.30 4.33
N LYS A 311 -29.52 -3.27 3.52
CA LYS A 311 -29.51 -3.93 2.23
C LYS A 311 -28.72 -3.10 1.22
N VAL A 312 -28.01 -3.79 0.32
CA VAL A 312 -27.19 -3.14 -0.69
C VAL A 312 -28.09 -2.75 -1.86
N CYS A 313 -28.47 -1.47 -1.92
CA CYS A 313 -29.33 -0.94 -2.96
C CYS A 313 -28.49 -0.08 -3.89
N ASN A 314 -28.04 -0.67 -4.99
CA ASN A 314 -27.36 0.11 -6.01
C ASN A 314 -28.37 0.96 -6.77
N GLY A 315 -27.87 2.02 -7.42
CA GLY A 315 -28.72 2.98 -8.08
C GLY A 315 -28.82 2.74 -9.58
N ILE A 316 -29.76 3.47 -10.20
CA ILE A 316 -29.95 3.41 -11.64
C ILE A 316 -28.66 3.85 -12.33
N GLY A 317 -28.01 2.91 -13.00
CA GLY A 317 -26.75 3.19 -13.66
C GLY A 317 -25.70 2.15 -13.35
N ILE A 318 -25.70 1.68 -12.10
CA ILE A 318 -24.62 0.74 -11.68
C ILE A 318 -25.22 -0.61 -11.29
N GLY A 319 -24.40 -1.66 -11.37
CA GLY A 319 -24.82 -2.99 -10.97
C GLY A 319 -25.89 -3.59 -11.89
N GLU A 320 -26.85 -4.30 -11.30
CA GLU A 320 -27.97 -4.91 -12.00
C GLU A 320 -28.81 -3.92 -12.83
N PHE A 321 -28.52 -2.63 -12.73
CA PHE A 321 -29.24 -1.58 -13.43
C PHE A 321 -28.28 -0.95 -14.44
N LYS A 322 -27.48 -1.80 -15.09
CA LYS A 322 -26.27 -1.33 -15.77
C LYS A 322 -26.60 -0.29 -16.84
N ASP A 323 -27.42 -0.67 -17.81
CA ASP A 323 -27.79 0.21 -18.92
C ASP A 323 -29.25 0.63 -18.83
N SER A 324 -29.72 0.91 -17.61
CA SER A 324 -31.10 1.30 -17.38
C SER A 324 -31.23 2.82 -17.43
N LEU A 325 -32.30 3.29 -18.05
CA LEU A 325 -32.56 4.72 -18.12
C LEU A 325 -33.36 5.23 -16.93
N SER A 326 -34.19 4.39 -16.31
CA SER A 326 -35.10 4.89 -15.29
C SER A 326 -35.54 3.77 -14.36
N ILE A 327 -35.99 4.16 -13.17
CA ILE A 327 -36.95 3.40 -12.36
C ILE A 327 -38.16 3.01 -13.19
N ASN A 328 -38.32 1.70 -13.45
CA ASN A 328 -39.40 1.23 -14.30
C ASN A 328 -39.98 -0.05 -13.71
N ALA A 329 -41.00 -0.59 -14.40
CA ALA A 329 -41.76 -1.71 -13.86
C ALA A 329 -40.88 -2.93 -13.65
N THR A 330 -39.86 -3.11 -14.49
CA THR A 330 -38.95 -4.24 -14.33
C THR A 330 -38.20 -4.17 -13.01
N ASN A 331 -37.56 -3.04 -12.72
CA ASN A 331 -36.61 -2.96 -11.62
C ASN A 331 -37.16 -2.25 -10.39
N ILE A 332 -38.42 -1.82 -10.39
CA ILE A 332 -38.99 -1.16 -9.22
C ILE A 332 -38.98 -2.11 -8.02
N LYS A 333 -39.29 -3.39 -8.27
CA LYS A 333 -39.42 -4.36 -7.17
C LYS A 333 -38.11 -4.52 -6.40
N HIS A 334 -36.97 -4.29 -7.06
CA HIS A 334 -35.67 -4.43 -6.40
C HIS A 334 -35.37 -3.29 -5.44
N PHE A 335 -36.28 -2.34 -5.24
CA PHE A 335 -36.07 -1.26 -4.28
C PHE A 335 -37.02 -1.36 -3.09
N LYS A 336 -37.58 -2.55 -2.85
CA LYS A 336 -38.69 -2.70 -1.90
C LYS A 336 -38.34 -2.16 -0.52
N ASN A 337 -37.20 -2.57 0.03
CA ASN A 337 -36.83 -2.16 1.37
C ASN A 337 -35.48 -1.46 1.38
N CYS A 338 -35.40 -0.31 0.73
CA CYS A 338 -34.17 0.46 0.63
C CYS A 338 -34.26 1.70 1.50
N THR A 339 -33.21 1.95 2.28
CA THR A 339 -33.07 3.17 3.07
C THR A 339 -32.00 4.10 2.51
N SER A 340 -30.85 3.55 2.13
CA SER A 340 -29.80 4.29 1.43
C SER A 340 -29.73 3.79 -0.01
N ILE A 341 -29.67 4.72 -0.95
CA ILE A 341 -29.44 4.41 -2.35
C ILE A 341 -27.95 4.61 -2.62
N SER A 342 -27.24 3.51 -2.90
CA SER A 342 -25.81 3.59 -3.20
C SER A 342 -25.67 3.91 -4.69
N GLY A 343 -25.80 5.20 -5.00
CA GLY A 343 -25.76 5.65 -6.37
C GLY A 343 -26.82 6.69 -6.68
N ASP A 344 -27.34 6.67 -7.90
CA ASP A 344 -28.26 7.70 -8.38
C ASP A 344 -29.65 7.11 -8.60
N LEU A 345 -30.61 8.01 -8.77
CA LEU A 345 -31.98 7.67 -9.10
C LEU A 345 -32.43 8.50 -10.29
N HIS A 346 -32.92 7.82 -11.33
CA HIS A 346 -33.52 8.47 -12.49
C HIS A 346 -34.98 8.06 -12.58
N ILE A 347 -35.86 9.02 -12.82
CA ILE A 347 -37.27 8.75 -13.11
C ILE A 347 -37.62 9.52 -14.37
N LEU A 348 -37.64 8.83 -15.50
CA LEU A 348 -37.83 9.49 -16.78
C LEU A 348 -39.25 9.27 -17.26
N PRO A 349 -39.69 9.99 -18.31
CA PRO A 349 -41.06 9.76 -18.79
C PRO A 349 -41.31 8.34 -19.30
N VAL A 350 -40.31 7.69 -19.88
CA VAL A 350 -40.52 6.36 -20.46
C VAL A 350 -40.87 5.31 -19.44
N ALA A 351 -40.63 5.59 -18.16
CA ALA A 351 -41.03 4.65 -17.12
C ALA A 351 -42.54 4.44 -17.12
N PHE A 352 -43.28 5.53 -17.36
CA PHE A 352 -44.71 5.78 -17.31
C PHE A 352 -45.39 5.34 -18.62
N ARG A 353 -44.73 5.66 -19.73
CA ARG A 353 -45.18 5.27 -21.06
C ARG A 353 -44.83 3.81 -21.36
N GLY A 354 -43.78 3.29 -20.75
CA GLY A 354 -43.29 1.98 -21.11
C GLY A 354 -42.41 2.03 -22.34
N ASP A 355 -41.40 1.16 -22.40
CA ASP A 355 -40.44 1.14 -23.50
C ASP A 355 -40.50 -0.21 -24.19
N SER A 356 -40.72 -0.19 -25.50
CA SER A 356 -40.75 -1.43 -26.27
C SER A 356 -39.35 -1.95 -26.57
N PHE A 357 -38.36 -1.05 -26.69
CA PHE A 357 -37.02 -1.44 -27.11
C PHE A 357 -36.22 -2.10 -26.00
N THR A 358 -36.53 -1.82 -24.73
CA THR A 358 -35.94 -2.52 -23.60
C THR A 358 -36.90 -3.50 -22.94
N HIS A 359 -37.97 -3.88 -23.65
CA HIS A 359 -38.93 -4.86 -23.16
C HIS A 359 -39.45 -4.48 -21.77
N THR A 360 -39.86 -3.22 -21.63
CA THR A 360 -40.23 -2.67 -20.33
C THR A 360 -41.68 -2.21 -20.36
N PRO A 361 -42.56 -2.81 -19.56
CA PRO A 361 -43.97 -2.39 -19.54
C PRO A 361 -44.12 -1.05 -18.84
N PRO A 362 -45.30 -0.44 -18.90
CA PRO A 362 -45.52 0.82 -18.16
C PRO A 362 -45.43 0.60 -16.66
N LEU A 363 -45.24 1.69 -15.93
CA LEU A 363 -45.08 1.67 -14.49
C LEU A 363 -46.33 2.21 -13.82
N ASP A 364 -46.83 1.47 -12.83
CA ASP A 364 -47.99 1.90 -12.07
C ASP A 364 -47.57 3.02 -11.11
N PRO A 365 -48.18 4.21 -11.19
CA PRO A 365 -47.83 5.28 -10.25
C PRO A 365 -47.91 4.88 -8.79
N GLN A 366 -48.91 4.07 -8.44
CA GLN A 366 -49.03 3.60 -7.05
C GLN A 366 -47.85 2.73 -6.63
N GLU A 367 -47.09 2.19 -7.58
CA GLU A 367 -45.90 1.43 -7.25
C GLU A 367 -44.73 2.32 -6.86
N LEU A 368 -44.86 3.64 -6.99
CA LEU A 368 -43.75 4.53 -6.64
C LEU A 368 -43.54 4.62 -5.13
N ASP A 369 -44.60 4.45 -4.35
CA ASP A 369 -44.52 4.65 -2.91
C ASP A 369 -43.53 3.71 -2.22
N ILE A 370 -43.02 2.71 -2.95
CA ILE A 370 -41.92 1.89 -2.45
C ILE A 370 -40.78 2.77 -1.95
N LEU A 371 -40.53 3.88 -2.65
CA LEU A 371 -39.41 4.75 -2.31
C LEU A 371 -39.61 5.50 -1.00
N LYS A 372 -40.78 5.39 -0.36
CA LYS A 372 -41.01 6.15 0.87
C LYS A 372 -40.11 5.70 2.01
N THR A 373 -39.50 4.52 1.91
CA THR A 373 -38.55 4.08 2.93
C THR A 373 -37.20 4.75 2.80
N VAL A 374 -36.92 5.38 1.65
CA VAL A 374 -35.58 5.89 1.37
C VAL A 374 -35.35 7.19 2.14
N LYS A 375 -34.25 7.24 2.88
CA LYS A 375 -33.87 8.40 3.66
C LYS A 375 -32.57 9.05 3.19
N GLU A 376 -31.74 8.33 2.45
CA GLU A 376 -30.43 8.82 2.01
C GLU A 376 -30.17 8.37 0.58
N ILE A 377 -29.79 9.32 -0.27
CA ILE A 377 -29.25 9.02 -1.59
C ILE A 377 -27.82 9.57 -1.61
N THR A 378 -26.89 8.73 -2.06
CA THR A 378 -25.48 9.10 -2.05
C THR A 378 -25.04 9.80 -3.34
N GLY A 379 -25.74 9.59 -4.44
CA GLY A 379 -25.43 10.27 -5.68
C GLY A 379 -26.38 11.42 -5.96
N PHE A 380 -26.98 11.45 -7.15
CA PHE A 380 -27.93 12.49 -7.50
C PHE A 380 -29.32 11.91 -7.68
N LEU A 381 -30.32 12.80 -7.60
CA LEU A 381 -31.72 12.45 -7.79
C LEU A 381 -32.27 13.26 -8.94
N LEU A 382 -32.73 12.58 -10.00
CA LEU A 382 -33.22 13.22 -11.20
C LEU A 382 -34.63 12.73 -11.50
N ILE A 383 -35.59 13.66 -11.46
CA ILE A 383 -37.00 13.38 -11.65
C ILE A 383 -37.47 14.22 -12.82
N GLN A 384 -37.69 13.56 -13.97
CA GLN A 384 -38.25 14.20 -15.15
C GLN A 384 -39.68 13.74 -15.42
N ALA A 385 -40.21 12.83 -14.61
CA ALA A 385 -41.58 12.37 -14.77
C ALA A 385 -42.17 12.08 -13.39
N TRP A 386 -43.49 12.19 -13.30
CA TRP A 386 -44.19 11.98 -12.04
C TRP A 386 -45.66 11.76 -12.35
N PRO A 387 -46.38 10.97 -11.53
CA PRO A 387 -47.82 10.82 -11.74
C PRO A 387 -48.52 12.15 -11.88
N GLU A 388 -49.13 12.39 -13.05
CA GLU A 388 -49.74 13.69 -13.30
C GLU A 388 -50.85 14.00 -12.32
N ASN A 389 -51.49 12.97 -11.76
CA ASN A 389 -52.55 13.18 -10.78
C ASN A 389 -51.99 13.50 -9.39
N ARG A 390 -50.69 13.39 -9.18
CA ARG A 390 -50.08 13.65 -7.88
C ARG A 390 -49.60 15.09 -7.79
N THR A 391 -49.87 15.73 -6.65
CA THR A 391 -49.59 17.15 -6.48
C THR A 391 -48.21 17.46 -5.93
N ASP A 392 -47.62 16.55 -5.14
CA ASP A 392 -46.29 16.75 -4.61
C ASP A 392 -45.46 15.49 -4.87
N LEU A 393 -44.18 15.54 -4.48
CA LEU A 393 -43.28 14.40 -4.61
C LEU A 393 -43.43 13.52 -3.36
N HIS A 394 -44.58 12.85 -3.29
CA HIS A 394 -44.99 12.19 -2.05
C HIS A 394 -44.03 11.06 -1.66
N ALA A 395 -43.46 10.36 -2.64
CA ALA A 395 -42.61 9.22 -2.33
C ALA A 395 -41.33 9.61 -1.61
N PHE A 396 -40.93 10.87 -1.67
CA PHE A 396 -39.70 11.34 -1.06
C PHE A 396 -39.96 12.21 0.17
N GLU A 397 -41.11 12.01 0.80
CA GLU A 397 -41.45 12.80 1.99
C GLU A 397 -40.60 12.45 3.20
N ASN A 398 -39.87 11.32 3.16
CA ASN A 398 -38.99 10.92 4.25
C ASN A 398 -37.52 10.97 3.86
N LEU A 399 -37.20 11.54 2.70
CA LEU A 399 -35.81 11.67 2.26
C LEU A 399 -35.16 12.82 3.02
N GLU A 400 -33.96 12.58 3.55
CA GLU A 400 -33.27 13.55 4.39
C GLU A 400 -31.99 14.10 3.79
N ILE A 401 -31.18 13.28 3.12
CA ILE A 401 -29.86 13.72 2.68
C ILE A 401 -29.57 13.21 1.28
N ILE A 402 -29.12 14.11 0.41
CA ILE A 402 -28.58 13.79 -0.91
C ILE A 402 -27.11 14.20 -0.87
N ARG A 403 -26.21 13.21 -0.89
CA ARG A 403 -24.79 13.51 -0.71
C ARG A 403 -24.14 14.05 -1.96
N GLY A 404 -24.62 13.67 -3.15
CA GLY A 404 -24.10 14.23 -4.38
C GLY A 404 -22.68 13.81 -4.72
N ARG A 405 -22.31 12.56 -4.43
CA ARG A 405 -20.98 12.08 -4.80
C ARG A 405 -20.81 12.06 -6.32
N THR A 406 -21.77 11.47 -7.02
CA THR A 406 -21.85 11.56 -8.46
C THR A 406 -22.98 12.52 -8.82
N LYS A 407 -22.76 13.35 -9.84
CA LYS A 407 -23.70 14.41 -10.16
C LYS A 407 -23.99 14.41 -11.65
N GLN A 408 -25.23 14.72 -12.00
CA GLN A 408 -25.65 14.71 -13.40
C GLN A 408 -24.87 15.75 -14.18
N HIS A 409 -24.29 15.32 -15.31
CA HIS A 409 -23.35 16.12 -16.08
C HIS A 409 -22.17 16.58 -15.23
N GLY A 410 -21.92 15.90 -14.11
CA GLY A 410 -20.93 16.35 -13.15
C GLY A 410 -21.29 17.64 -12.44
N GLN A 411 -22.57 17.95 -12.30
CA GLN A 411 -22.97 19.23 -11.72
C GLN A 411 -24.16 19.13 -10.78
N PHE A 412 -25.23 18.44 -11.18
CA PHE A 412 -26.50 18.51 -10.48
C PHE A 412 -26.73 17.29 -9.62
N SER A 413 -27.04 17.51 -8.33
CA SER A 413 -27.40 16.45 -7.42
C SER A 413 -28.90 16.38 -7.14
N LEU A 414 -29.66 17.42 -7.48
CA LEU A 414 -31.11 17.41 -7.36
C LEU A 414 -31.68 18.11 -8.59
N ALA A 415 -32.47 17.38 -9.38
CA ALA A 415 -33.09 17.95 -10.56
C ALA A 415 -34.54 17.50 -10.63
N VAL A 416 -35.45 18.46 -10.72
CA VAL A 416 -36.89 18.22 -10.78
C VAL A 416 -37.39 19.06 -11.96
N VAL A 417 -37.66 18.42 -13.10
CA VAL A 417 -37.97 19.19 -14.31
C VAL A 417 -39.25 18.68 -14.94
N SER A 418 -40.09 19.62 -15.38
CA SER A 418 -41.24 19.37 -16.25
C SER A 418 -42.22 18.36 -15.65
N LEU A 419 -42.75 18.72 -14.48
CA LEU A 419 -43.76 17.91 -13.80
C LEU A 419 -45.05 18.71 -13.64
N ASN A 420 -46.15 17.98 -13.45
CA ASN A 420 -47.45 18.61 -13.19
C ASN A 420 -47.64 18.98 -11.72
N ILE A 421 -46.68 18.63 -10.84
CA ILE A 421 -46.80 18.92 -9.42
C ILE A 421 -47.03 20.40 -9.14
N THR A 422 -47.63 20.67 -7.97
CA THR A 422 -47.86 22.01 -7.48
C THR A 422 -46.99 22.37 -6.28
N SER A 423 -46.49 21.39 -5.53
CA SER A 423 -45.58 21.62 -4.42
C SER A 423 -44.50 20.55 -4.44
N LEU A 424 -43.34 20.87 -3.86
CA LEU A 424 -42.25 19.90 -3.85
C LEU A 424 -42.48 18.81 -2.81
N GLY A 425 -42.97 19.18 -1.63
CA GLY A 425 -43.31 18.19 -0.61
C GLY A 425 -42.15 17.39 -0.09
N LEU A 426 -40.95 17.97 -0.09
CA LEU A 426 -39.74 17.29 0.40
C LEU A 426 -39.44 17.71 1.84
N ARG A 427 -40.39 17.36 2.72
CA ARG A 427 -40.47 18.02 3.99
C ARG A 427 -39.53 17.41 5.03
N SER A 428 -38.91 16.26 4.73
CA SER A 428 -37.84 15.70 5.56
C SER A 428 -36.45 16.05 5.05
N LEU A 429 -36.34 16.80 3.97
CA LEU A 429 -35.04 17.12 3.40
C LEU A 429 -34.26 18.03 4.34
N LYS A 430 -33.00 17.68 4.59
CA LYS A 430 -32.18 18.42 5.54
C LYS A 430 -30.79 18.74 5.03
N GLU A 431 -30.29 18.06 4.00
CA GLU A 431 -28.93 18.31 3.55
C GLU A 431 -28.79 17.90 2.09
N ILE A 432 -28.09 18.73 1.32
CA ILE A 432 -27.63 18.39 -0.01
C ILE A 432 -26.12 18.65 0.03
N SER A 433 -25.34 17.59 0.16
CA SER A 433 -23.93 17.72 0.56
C SER A 433 -23.07 18.36 -0.52
N ASP A 434 -23.45 18.23 -1.79
CA ASP A 434 -22.66 18.79 -2.88
C ASP A 434 -23.54 18.93 -4.10
N GLY A 435 -23.11 19.78 -5.03
CA GLY A 435 -23.75 19.90 -6.31
C GLY A 435 -24.92 20.87 -6.31
N ASP A 436 -25.37 21.20 -7.52
CA ASP A 436 -26.37 22.21 -7.74
C ASP A 436 -27.77 21.61 -7.82
N VAL A 437 -28.76 22.45 -7.54
CA VAL A 437 -30.18 22.11 -7.68
C VAL A 437 -30.72 22.83 -8.91
N ILE A 438 -31.54 22.13 -9.70
CA ILE A 438 -32.23 22.77 -10.86
C ILE A 438 -33.72 22.43 -10.79
N ILE A 439 -34.58 23.44 -10.72
CA ILE A 439 -36.03 23.26 -10.64
C ILE A 439 -36.65 24.07 -11.77
N SER A 440 -37.01 23.37 -12.84
CA SER A 440 -37.29 23.99 -14.13
C SER A 440 -38.53 23.39 -14.77
N GLY A 441 -39.29 24.22 -15.47
CA GLY A 441 -40.36 23.77 -16.35
C GLY A 441 -41.58 23.20 -15.67
N ASN A 442 -41.64 23.20 -14.34
CA ASN A 442 -42.78 22.65 -13.62
C ASN A 442 -43.89 23.70 -13.58
N LYS A 443 -44.87 23.53 -14.48
CA LYS A 443 -45.74 24.64 -14.84
C LYS A 443 -46.67 25.00 -13.69
N ASN A 444 -46.80 24.14 -12.67
CA ASN A 444 -47.71 24.37 -11.55
C ASN A 444 -47.02 24.49 -10.20
N LEU A 445 -45.70 24.39 -10.13
CA LEU A 445 -45.02 24.41 -8.82
C LEU A 445 -45.00 25.81 -8.23
N CYS A 446 -45.25 25.91 -6.92
CA CYS A 446 -45.45 27.21 -6.27
C CYS A 446 -44.70 27.53 -4.97
N TYR A 447 -43.89 26.63 -4.43
CA TYR A 447 -43.30 26.93 -3.13
C TYR A 447 -41.77 26.85 -3.10
N ALA A 448 -41.12 26.54 -4.23
CA ALA A 448 -39.67 26.38 -4.24
C ALA A 448 -38.93 27.66 -3.90
N ASN A 449 -39.58 28.82 -4.06
CA ASN A 449 -38.91 30.10 -3.80
C ASN A 449 -38.79 30.39 -2.31
N THR A 450 -39.72 29.86 -1.51
CA THR A 450 -39.76 30.17 -0.08
C THR A 450 -38.63 29.53 0.69
N ILE A 451 -37.98 28.52 0.13
CA ILE A 451 -36.96 27.75 0.82
C ILE A 451 -35.62 28.45 0.66
N ASN A 452 -34.90 28.64 1.77
CA ASN A 452 -33.52 29.12 1.74
C ASN A 452 -32.64 27.90 1.47
N TRP A 453 -32.38 27.63 0.18
CA TRP A 453 -31.67 26.42 -0.19
C TRP A 453 -30.22 26.43 0.26
N LYS A 454 -29.65 27.60 0.59
CA LYS A 454 -28.30 27.64 1.12
C LYS A 454 -28.19 27.03 2.51
N LYS A 455 -29.31 26.78 3.18
CA LYS A 455 -29.30 26.13 4.48
C LYS A 455 -29.15 24.62 4.38
N LEU A 456 -29.45 24.04 3.22
CA LEU A 456 -29.26 22.61 3.00
C LEU A 456 -27.86 22.29 2.49
N PHE A 457 -27.16 23.28 1.94
CA PHE A 457 -25.94 23.02 1.21
C PHE A 457 -24.76 22.80 2.14
N GLY A 458 -23.87 21.89 1.74
CA GLY A 458 -22.71 21.54 2.53
C GLY A 458 -21.40 21.97 1.90
N THR A 459 -21.48 22.91 0.97
CA THR A 459 -20.30 23.35 0.23
C THR A 459 -20.56 24.73 -0.35
N SER A 460 -19.58 25.62 -0.22
CA SER A 460 -19.67 26.92 -0.86
C SER A 460 -19.76 26.76 -2.37
N GLY A 461 -20.44 27.70 -3.01
CA GLY A 461 -20.60 27.67 -4.45
C GLY A 461 -21.68 26.72 -4.96
N GLN A 462 -22.31 25.95 -4.08
CA GLN A 462 -23.52 25.22 -4.46
C GLN A 462 -24.61 26.24 -4.78
N LYS A 463 -25.09 26.23 -6.01
CA LYS A 463 -26.08 27.19 -6.47
C LYS A 463 -27.36 26.47 -6.87
N THR A 464 -28.43 27.24 -7.02
CA THR A 464 -29.69 26.73 -7.52
C THR A 464 -30.08 27.44 -8.81
N LYS A 465 -30.99 26.80 -9.53
CA LYS A 465 -31.52 27.28 -10.81
C LYS A 465 -33.03 27.06 -10.76
N ILE A 466 -33.77 28.03 -10.20
CA ILE A 466 -35.20 27.86 -9.96
C ILE A 466 -35.94 28.80 -10.92
N ILE A 467 -36.48 28.23 -11.99
CA ILE A 467 -36.85 29.01 -13.18
C ILE A 467 -37.95 28.29 -13.96
N SER A 468 -38.78 29.10 -14.63
CA SER A 468 -39.82 28.61 -15.55
C SER A 468 -40.85 27.70 -14.87
N ASN A 469 -41.12 27.95 -13.60
CA ASN A 469 -42.22 27.29 -12.91
C ASN A 469 -43.43 28.23 -12.92
N ARG A 470 -44.45 27.92 -12.12
CA ARG A 470 -45.53 28.88 -11.92
C ARG A 470 -44.94 30.13 -11.27
N GLY A 471 -45.20 31.29 -11.87
CA GLY A 471 -44.56 32.52 -11.42
C GLY A 471 -44.92 32.84 -9.98
N GLU A 472 -44.06 33.65 -9.33
CA GLU A 472 -44.22 33.85 -7.90
C GLU A 472 -45.54 34.55 -7.71
N ASN A 473 -45.66 35.66 -8.44
CA ASN A 473 -46.83 36.52 -8.39
C ASN A 473 -48.07 35.77 -8.84
N SER A 474 -47.90 34.78 -9.72
CA SER A 474 -49.00 33.89 -10.03
C SER A 474 -49.47 33.15 -8.78
N CYS A 475 -48.55 32.50 -8.08
CA CYS A 475 -48.93 31.72 -6.89
C CYS A 475 -49.48 32.63 -5.80
N LYS A 476 -48.89 33.82 -5.62
CA LYS A 476 -49.41 34.76 -4.63
C LYS A 476 -50.80 35.26 -5.02
N ALA A 477 -51.07 35.39 -6.31
CA ALA A 477 -52.37 35.88 -6.74
C ALA A 477 -53.49 34.87 -6.49
N THR A 478 -53.18 33.57 -6.55
CA THR A 478 -54.15 32.53 -6.26
C THR A 478 -54.03 32.01 -4.83
N GLY A 479 -53.43 32.79 -3.94
CA GLY A 479 -53.30 32.40 -2.54
C GLY A 479 -52.57 31.11 -2.32
N GLN A 480 -51.66 30.75 -3.23
CA GLN A 480 -50.93 29.49 -3.15
C GLN A 480 -49.55 29.71 -2.53
N VAL A 481 -49.58 30.19 -1.28
CA VAL A 481 -48.40 30.64 -0.57
C VAL A 481 -48.28 29.81 0.72
N CYS A 482 -47.13 29.91 1.38
CA CYS A 482 -46.88 29.17 2.61
C CYS A 482 -47.91 29.54 3.68
N HIS A 483 -48.05 28.65 4.67
CA HIS A 483 -48.98 28.87 5.76
C HIS A 483 -48.51 30.03 6.64
N ALA A 484 -49.48 30.70 7.29
CA ALA A 484 -49.16 31.89 8.07
C ALA A 484 -48.30 31.55 9.27
N LEU A 485 -48.52 30.36 9.85
CA LEU A 485 -47.79 29.97 11.08
C LEU A 485 -46.34 29.68 10.71
N CYS A 486 -46.02 29.65 9.41
CA CYS A 486 -44.66 29.27 8.97
C CYS A 486 -44.01 30.42 8.23
N SER A 487 -43.61 31.47 8.96
CA SER A 487 -42.94 32.60 8.33
C SER A 487 -41.43 32.45 8.13
N PRO A 488 -40.65 31.77 9.02
CA PRO A 488 -39.18 31.91 8.94
C PRO A 488 -38.50 31.41 7.67
N GLU A 489 -38.47 30.10 7.39
CA GLU A 489 -37.72 29.62 6.24
C GLU A 489 -38.62 29.12 5.10
N GLY A 490 -39.89 29.51 5.06
CA GLY A 490 -40.76 29.06 3.98
C GLY A 490 -41.32 27.67 4.22
N CYS A 491 -41.53 26.93 3.14
CA CYS A 491 -42.23 25.65 3.22
C CYS A 491 -42.12 24.90 1.89
N TRP A 492 -42.62 23.66 1.91
CA TRP A 492 -42.70 22.80 0.74
C TRP A 492 -44.13 22.56 0.28
N GLY A 493 -45.09 23.32 0.80
CA GLY A 493 -46.49 23.15 0.49
C GLY A 493 -47.37 24.00 1.37
N PRO A 494 -48.68 24.01 1.09
CA PRO A 494 -49.58 24.97 1.77
C PRO A 494 -49.87 24.62 3.20
N GLU A 495 -49.71 23.35 3.55
CA GLU A 495 -50.20 22.81 4.81
C GLU A 495 -49.16 22.97 5.91
N PRO A 496 -49.57 23.18 7.16
CA PRO A 496 -48.60 23.45 8.23
C PRO A 496 -47.51 22.41 8.42
N ARG A 497 -47.73 21.14 8.07
CA ARG A 497 -46.65 20.17 8.20
C ARG A 497 -45.61 20.33 7.10
N ASP A 498 -46.04 20.77 5.90
CA ASP A 498 -45.11 21.08 4.83
C ASP A 498 -44.15 22.20 5.20
N CYS A 499 -44.40 22.88 6.31
CA CYS A 499 -43.54 23.98 6.72
C CYS A 499 -42.22 23.47 7.28
N VAL A 500 -41.17 24.23 7.02
CA VAL A 500 -39.84 23.82 7.47
C VAL A 500 -39.66 24.11 8.96
N SER A 501 -40.11 25.28 9.43
CA SER A 501 -39.89 25.68 10.81
C SER A 501 -41.15 25.79 11.63
N HIS A 502 -42.31 25.97 11.00
CA HIS A 502 -43.60 26.04 11.69
C HIS A 502 -43.61 27.10 12.79
N GLU B 3 13.67 -20.45 2.58
CA GLU B 3 14.66 -20.51 1.53
C GLU B 3 16.06 -20.68 2.11
N LYS B 4 16.63 -19.58 2.61
CA LYS B 4 17.96 -19.59 3.20
C LYS B 4 17.89 -19.98 4.67
N LYS B 5 18.82 -20.83 5.09
CA LYS B 5 19.00 -21.11 6.52
C LYS B 5 19.27 -19.80 7.25
N VAL B 6 18.56 -19.56 8.35
CA VAL B 6 18.77 -18.32 9.10
C VAL B 6 19.35 -18.64 10.48
N CYS B 7 19.94 -17.63 11.10
CA CYS B 7 20.43 -17.74 12.48
C CYS B 7 20.29 -16.41 13.17
N GLN B 8 20.27 -16.45 14.51
CA GLN B 8 19.84 -15.30 15.30
C GLN B 8 20.92 -14.23 15.45
N GLY B 9 22.19 -14.62 15.40
CA GLY B 9 23.28 -13.69 15.58
C GLY B 9 23.55 -13.40 17.05
N THR B 10 24.71 -12.80 17.32
CA THR B 10 25.10 -12.48 18.68
C THR B 10 25.30 -10.98 18.78
N SER B 11 25.34 -10.48 20.01
CA SER B 11 25.70 -9.08 20.23
C SER B 11 26.42 -8.94 21.57
N ASN B 12 27.46 -9.75 21.76
CA ASN B 12 28.32 -9.63 22.94
C ASN B 12 29.45 -8.64 22.74
N LYS B 13 29.49 -7.94 21.61
CA LYS B 13 30.57 -7.04 21.27
C LYS B 13 31.92 -7.71 21.53
N LEU B 14 32.66 -7.21 22.51
CA LEU B 14 34.02 -7.66 22.76
C LEU B 14 34.15 -8.46 24.04
N THR B 15 33.02 -8.97 24.55
CA THR B 15 33.02 -9.81 25.74
C THR B 15 33.30 -11.25 25.37
N GLN B 16 34.03 -11.94 26.25
CA GLN B 16 34.47 -13.32 26.03
C GLN B 16 33.63 -14.27 26.86
N LEU B 17 33.17 -15.35 26.23
CA LEU B 17 32.30 -16.34 26.88
C LEU B 17 33.13 -17.55 27.27
N GLY B 18 33.51 -17.60 28.55
CA GLY B 18 34.28 -18.73 29.04
C GLY B 18 35.70 -18.76 28.48
N THR B 19 36.24 -19.96 28.37
CA THR B 19 37.56 -20.14 27.80
C THR B 19 37.50 -19.99 26.27
N PHE B 20 38.68 -20.03 25.64
CA PHE B 20 38.73 -19.90 24.18
C PHE B 20 38.00 -21.05 23.48
N GLU B 21 38.15 -22.28 23.98
CA GLU B 21 37.20 -23.35 23.69
C GLU B 21 35.76 -22.80 23.81
N ASP B 22 35.20 -22.77 25.03
CA ASP B 22 33.79 -22.40 25.24
C ASP B 22 33.30 -21.31 24.27
N HIS B 23 34.11 -20.26 24.09
CA HIS B 23 33.77 -19.19 23.17
C HIS B 23 33.66 -19.69 21.74
N PHE B 24 34.69 -20.39 21.25
CA PHE B 24 34.64 -20.95 19.91
C PHE B 24 33.43 -21.86 19.74
N LEU B 25 33.13 -22.65 20.77
CA LEU B 25 32.04 -23.62 20.68
C LEU B 25 30.69 -22.93 20.58
N SER B 26 30.49 -21.86 21.34
CA SER B 26 29.26 -21.08 21.23
C SER B 26 29.12 -20.48 19.83
N LEU B 27 30.20 -19.83 19.34
CA LEU B 27 30.17 -19.26 18.00
C LEU B 27 29.81 -20.32 16.96
N GLN B 28 30.34 -21.54 17.14
CA GLN B 28 30.16 -22.57 16.15
C GLN B 28 28.73 -23.16 16.20
N ARG B 29 28.17 -23.28 17.41
CA ARG B 29 26.77 -23.74 17.52
C ARG B 29 25.86 -22.65 16.95
N MET B 30 26.36 -21.41 16.86
CA MET B 30 25.52 -20.32 16.39
C MET B 30 25.50 -20.24 14.87
N PHE B 31 26.67 -20.33 14.24
CA PHE B 31 26.78 -20.02 12.82
C PHE B 31 27.03 -21.23 11.94
N ASN B 32 26.88 -22.45 12.46
CA ASN B 32 26.96 -23.64 11.62
C ASN B 32 25.73 -23.72 10.72
N ASN B 33 25.97 -23.92 9.42
CA ASN B 33 24.96 -24.01 8.36
C ASN B 33 24.21 -22.71 8.11
N CYS B 34 24.55 -21.62 8.79
CA CYS B 34 23.76 -20.40 8.67
C CYS B 34 24.09 -19.68 7.37
N GLU B 35 23.04 -19.26 6.66
CA GLU B 35 23.18 -18.48 5.43
C GLU B 35 22.86 -17.00 5.61
N VAL B 36 21.90 -16.65 6.47
CA VAL B 36 21.45 -15.28 6.67
C VAL B 36 21.41 -14.98 8.16
N VAL B 37 22.29 -14.10 8.62
CA VAL B 37 22.34 -13.71 10.02
C VAL B 37 21.30 -12.61 10.26
N LEU B 38 20.30 -12.91 11.10
CA LEU B 38 19.26 -11.93 11.38
C LEU B 38 19.75 -10.81 12.29
N GLY B 39 20.77 -11.08 13.11
CA GLY B 39 21.34 -10.07 13.97
C GLY B 39 22.71 -9.63 13.52
N ASN B 40 23.70 -9.71 14.41
CA ASN B 40 25.07 -9.34 14.11
C ASN B 40 25.94 -10.58 14.02
N LEU B 41 26.99 -10.49 13.21
CA LEU B 41 28.02 -11.52 13.08
C LEU B 41 29.24 -11.08 13.86
N GLU B 42 29.51 -11.75 14.99
CA GLU B 42 30.64 -11.40 15.86
C GLU B 42 31.62 -12.57 15.88
N ILE B 43 32.77 -12.38 15.23
CA ILE B 43 33.87 -13.33 15.27
C ILE B 43 34.95 -12.71 16.13
N THR B 44 35.06 -13.19 17.37
CA THR B 44 36.04 -12.67 18.32
C THR B 44 36.73 -13.82 19.02
N TYR B 45 38.01 -13.60 19.35
CA TYR B 45 38.82 -14.46 20.21
C TYR B 45 39.08 -15.85 19.63
N VAL B 46 38.82 -16.08 18.35
CA VAL B 46 39.15 -17.38 17.75
C VAL B 46 40.65 -17.48 17.60
N GLN B 47 41.22 -18.59 18.06
CA GLN B 47 42.67 -18.74 18.17
C GLN B 47 43.24 -19.49 16.97
N ARG B 48 44.56 -19.58 16.94
CA ARG B 48 45.25 -20.24 15.83
C ARG B 48 44.95 -21.73 15.81
N ASN B 49 44.89 -22.30 14.60
CA ASN B 49 44.62 -23.71 14.35
C ASN B 49 43.18 -24.09 14.68
N TYR B 50 42.26 -23.14 14.67
CA TYR B 50 40.84 -23.41 14.82
C TYR B 50 40.18 -23.30 13.46
N ASP B 51 39.37 -24.30 13.10
CA ASP B 51 38.79 -24.37 11.76
C ASP B 51 37.51 -23.54 11.73
N LEU B 52 37.56 -22.41 11.03
CA LEU B 52 36.41 -21.53 10.84
C LEU B 52 35.74 -21.73 9.48
N SER B 53 35.85 -22.92 8.89
CA SER B 53 35.32 -23.09 7.55
C SER B 53 33.78 -23.06 7.48
N PHE B 54 33.08 -23.11 8.62
CA PHE B 54 31.62 -23.03 8.57
C PHE B 54 31.13 -21.66 8.13
N LEU B 55 31.88 -20.61 8.44
CA LEU B 55 31.55 -19.29 7.90
C LEU B 55 31.50 -19.29 6.38
N LYS B 56 32.01 -20.33 5.72
CA LYS B 56 31.89 -20.33 4.26
C LYS B 56 30.44 -20.28 3.80
N THR B 57 29.47 -20.50 4.68
CA THR B 57 28.09 -20.55 4.23
C THR B 57 27.33 -19.24 4.42
N ILE B 58 27.92 -18.22 5.03
CA ILE B 58 27.20 -16.99 5.37
C ILE B 58 27.18 -16.06 4.17
N GLN B 59 25.97 -15.62 3.79
CA GLN B 59 25.79 -14.78 2.60
C GLN B 59 25.20 -13.42 2.90
N GLU B 60 24.34 -13.28 3.90
CA GLU B 60 23.82 -11.99 4.34
C GLU B 60 24.05 -11.82 5.84
N VAL B 61 24.42 -10.60 6.23
CA VAL B 61 24.35 -10.17 7.62
C VAL B 61 23.47 -8.94 7.70
N ALA B 62 22.46 -8.99 8.57
CA ALA B 62 21.50 -7.90 8.67
C ALA B 62 22.01 -6.78 9.57
N GLY B 63 22.62 -7.14 10.71
CA GLY B 63 23.16 -6.15 11.62
C GLY B 63 24.53 -5.66 11.19
N TYR B 64 25.50 -5.73 12.09
CA TYR B 64 26.89 -5.40 11.76
C TYR B 64 27.73 -6.66 11.75
N VAL B 65 28.97 -6.51 11.27
CA VAL B 65 29.96 -7.57 11.24
C VAL B 65 31.18 -7.07 12.01
N LEU B 66 31.48 -7.75 13.11
CA LEU B 66 32.59 -7.41 13.99
C LEU B 66 33.56 -8.57 14.00
N ILE B 67 34.81 -8.31 13.62
CA ILE B 67 35.88 -9.31 13.61
C ILE B 67 37.01 -8.73 14.45
N ALA B 68 37.19 -9.26 15.65
CA ALA B 68 38.10 -8.60 16.58
C ALA B 68 38.77 -9.60 17.51
N LEU B 69 40.03 -9.31 17.85
CA LEU B 69 40.80 -10.04 18.85
C LEU B 69 41.01 -11.51 18.48
N ASN B 70 40.97 -11.82 17.19
CA ASN B 70 41.26 -13.17 16.74
C ASN B 70 42.73 -13.30 16.39
N THR B 71 43.28 -14.50 16.63
CA THR B 71 44.60 -14.84 16.14
C THR B 71 44.58 -15.90 15.06
N VAL B 72 43.42 -16.51 14.79
CA VAL B 72 43.31 -17.50 13.73
C VAL B 72 43.83 -16.92 12.42
N GLU B 73 44.49 -17.76 11.63
CA GLU B 73 45.16 -17.25 10.44
C GLU B 73 44.17 -16.82 9.37
N ARG B 74 43.10 -17.59 9.17
CA ARG B 74 42.13 -17.26 8.13
C ARG B 74 40.74 -17.14 8.72
N ILE B 75 39.97 -16.19 8.23
CA ILE B 75 38.53 -16.13 8.47
C ILE B 75 37.83 -16.16 7.11
N PRO B 76 37.31 -17.32 6.70
CA PRO B 76 36.85 -17.55 5.32
C PRO B 76 35.41 -17.12 5.10
N LEU B 77 35.15 -15.82 5.22
CA LEU B 77 33.85 -15.26 4.86
C LEU B 77 33.72 -15.02 3.36
N GLU B 78 34.14 -16.00 2.56
CA GLU B 78 34.30 -15.84 1.11
C GLU B 78 32.99 -15.92 0.33
N ASN B 79 31.83 -15.88 0.99
CA ASN B 79 30.57 -15.88 0.28
C ASN B 79 29.59 -14.82 0.75
N LEU B 80 30.02 -13.93 1.65
CA LEU B 80 29.24 -12.81 2.14
C LEU B 80 28.95 -11.77 1.04
N GLN B 81 27.71 -11.71 0.55
CA GLN B 81 27.33 -10.67 -0.40
C GLN B 81 27.31 -9.29 0.25
N ILE B 82 26.56 -9.18 1.35
CA ILE B 82 25.93 -7.95 1.80
C ILE B 82 25.93 -7.87 3.32
N ILE B 83 26.16 -6.67 3.84
CA ILE B 83 25.91 -6.33 5.23
C ILE B 83 24.85 -5.23 5.23
N LYS B 84 23.65 -5.55 5.72
CA LYS B 84 22.53 -4.61 5.66
C LYS B 84 22.82 -3.36 6.47
N GLY B 85 23.44 -3.51 7.65
CA GLY B 85 23.67 -2.37 8.51
C GLY B 85 22.47 -1.94 9.32
N ASN B 86 21.54 -2.86 9.59
CA ASN B 86 20.38 -2.53 10.44
C ASN B 86 20.79 -2.16 11.85
N MET B 87 22.04 -2.40 12.22
CA MET B 87 22.64 -1.93 13.46
C MET B 87 24.08 -1.59 13.19
N TYR B 88 24.65 -0.70 14.00
CA TYR B 88 26.05 -0.38 13.91
C TYR B 88 26.78 -0.76 15.19
N TYR B 89 28.04 -1.14 15.02
CA TYR B 89 28.95 -1.27 16.15
C TYR B 89 29.42 0.12 16.56
N GLU B 90 29.19 0.47 17.83
CA GLU B 90 29.59 1.78 18.38
C GLU B 90 28.97 2.94 17.60
N ASN B 91 27.71 2.76 17.18
CA ASN B 91 26.93 3.82 16.54
C ASN B 91 27.56 4.37 15.26
N SER B 92 28.31 3.55 14.51
CA SER B 92 28.91 4.12 13.30
C SER B 92 29.44 3.10 12.29
N TYR B 93 29.55 1.84 12.65
CA TYR B 93 30.24 0.87 11.79
C TYR B 93 29.36 -0.33 11.51
N ALA B 94 29.18 -0.64 10.23
CA ALA B 94 28.59 -1.90 9.83
C ALA B 94 29.61 -3.01 9.65
N LEU B 95 30.89 -2.66 9.51
CA LEU B 95 31.97 -3.64 9.43
C LEU B 95 33.18 -3.08 10.17
N ALA B 96 33.58 -3.76 11.25
CA ALA B 96 34.72 -3.33 12.06
C ALA B 96 35.63 -4.52 12.31
N VAL B 97 36.92 -4.35 12.00
CA VAL B 97 37.92 -5.41 12.12
C VAL B 97 39.07 -4.87 12.97
N LEU B 98 39.15 -5.32 14.21
CA LEU B 98 39.94 -4.66 15.24
C LEU B 98 40.88 -5.62 15.96
N SER B 99 42.16 -5.26 16.02
CA SER B 99 43.13 -5.84 16.96
C SER B 99 43.17 -7.36 16.89
N ASN B 100 43.47 -7.88 15.71
CA ASN B 100 43.53 -9.32 15.49
C ASN B 100 44.99 -9.78 15.47
N TYR B 101 45.59 -9.81 16.66
CA TYR B 101 47.00 -10.19 16.80
C TYR B 101 47.23 -10.79 18.17
N ASP B 102 48.42 -11.37 18.35
CA ASP B 102 48.81 -11.97 19.62
C ASP B 102 49.99 -11.18 20.21
N ALA B 103 50.61 -11.78 21.23
CA ALA B 103 51.68 -11.10 21.97
C ALA B 103 52.90 -10.81 21.12
N ASN B 104 53.06 -11.48 19.98
CA ASN B 104 54.24 -11.35 19.14
C ASN B 104 53.90 -10.88 17.73
N LYS B 105 52.83 -10.10 17.61
CA LYS B 105 52.37 -9.54 16.34
C LYS B 105 52.08 -10.63 15.31
N THR B 106 51.50 -11.74 15.78
CA THR B 106 50.99 -12.80 14.92
C THR B 106 49.48 -12.84 15.03
N GLY B 107 48.82 -13.17 13.91
CA GLY B 107 47.38 -13.29 13.93
C GLY B 107 46.75 -13.35 12.55
N LEU B 108 45.60 -12.70 12.43
CA LEU B 108 44.79 -12.73 11.21
C LEU B 108 45.58 -12.29 9.98
N LYS B 109 45.81 -13.22 9.06
CA LYS B 109 46.44 -12.90 7.78
C LYS B 109 45.44 -12.79 6.64
N GLU B 110 44.44 -13.66 6.60
CA GLU B 110 43.62 -13.87 5.42
C GLU B 110 42.15 -13.60 5.74
N LEU B 111 41.57 -12.61 5.06
CA LEU B 111 40.16 -12.27 5.18
C LEU B 111 39.58 -12.17 3.77
N PRO B 112 39.34 -13.31 3.11
CA PRO B 112 39.05 -13.32 1.66
C PRO B 112 37.59 -13.11 1.31
N MET B 113 37.09 -11.89 1.53
CA MET B 113 35.70 -11.57 1.26
C MET B 113 35.49 -11.17 -0.20
N ARG B 114 35.86 -12.08 -1.10
CA ARG B 114 35.89 -11.80 -2.53
C ARG B 114 34.50 -11.55 -3.12
N ASN B 115 33.46 -11.66 -2.31
CA ASN B 115 32.10 -11.49 -2.81
C ASN B 115 31.32 -10.41 -2.07
N LEU B 116 31.99 -9.57 -1.27
CA LEU B 116 31.30 -8.52 -0.52
C LEU B 116 31.21 -7.29 -1.41
N GLN B 117 30.16 -7.20 -2.25
CA GLN B 117 29.98 -6.00 -3.07
C GLN B 117 29.26 -4.84 -2.39
N GLU B 118 28.51 -5.01 -1.31
CA GLU B 118 27.81 -3.82 -0.84
C GLU B 118 27.48 -3.88 0.64
N ILE B 119 27.65 -2.75 1.30
CA ILE B 119 27.17 -2.55 2.67
C ILE B 119 26.16 -1.41 2.63
N LEU B 120 24.88 -1.76 2.79
CA LEU B 120 23.79 -0.80 2.67
C LEU B 120 23.95 0.42 3.58
N HIS B 121 24.07 0.21 4.88
CA HIS B 121 24.15 1.33 5.80
C HIS B 121 25.36 1.18 6.72
N GLY B 122 25.90 2.31 7.16
CA GLY B 122 27.02 2.33 8.08
C GLY B 122 28.37 2.44 7.39
N ALA B 123 29.39 2.65 8.21
CA ALA B 123 30.77 2.84 7.76
C ALA B 123 31.63 1.63 8.11
N VAL B 124 32.91 1.73 7.77
CA VAL B 124 33.86 0.63 7.95
C VAL B 124 35.00 1.10 8.83
N ARG B 125 35.57 0.15 9.58
CA ARG B 125 36.62 0.42 10.56
C ARG B 125 37.65 -0.69 10.50
N PHE B 126 38.89 -0.35 10.14
CA PHE B 126 40.01 -1.28 10.14
C PHE B 126 41.15 -0.65 10.93
N SER B 127 41.67 -1.37 11.92
CA SER B 127 42.79 -0.85 12.70
C SER B 127 43.43 -1.98 13.50
N ASN B 128 44.76 -1.93 13.60
CA ASN B 128 45.54 -2.83 14.46
C ASN B 128 45.46 -4.29 13.99
N ASN B 129 45.90 -4.52 12.75
CA ASN B 129 45.95 -5.86 12.19
C ASN B 129 47.32 -6.06 11.56
N PRO B 130 48.35 -6.33 12.38
CA PRO B 130 49.73 -6.36 11.86
C PRO B 130 50.05 -7.54 10.96
N ALA B 131 49.12 -8.46 10.73
CA ALA B 131 49.35 -9.58 9.84
C ALA B 131 48.39 -9.60 8.65
N LEU B 132 47.43 -8.68 8.61
CA LEU B 132 46.40 -8.70 7.59
C LEU B 132 46.99 -8.44 6.20
N CYS B 133 46.68 -9.32 5.25
CA CYS B 133 47.28 -9.27 3.92
C CYS B 133 46.26 -8.86 2.89
N ASN B 134 46.66 -7.94 2.01
CA ASN B 134 45.98 -7.60 0.76
C ASN B 134 44.74 -6.73 0.94
N VAL B 135 44.16 -6.69 2.15
CA VAL B 135 42.90 -5.97 2.31
C VAL B 135 43.11 -4.46 2.17
N GLU B 136 44.37 -4.00 2.21
CA GLU B 136 44.65 -2.58 2.07
C GLU B 136 44.32 -2.06 0.68
N SER B 137 44.33 -2.93 -0.33
CA SER B 137 44.12 -2.53 -1.72
C SER B 137 42.65 -2.47 -2.11
N ILE B 138 41.73 -2.68 -1.18
CA ILE B 138 40.32 -2.76 -1.53
C ILE B 138 39.74 -1.36 -1.67
N GLN B 139 38.97 -1.15 -2.74
CA GLN B 139 38.29 0.12 -2.98
C GLN B 139 36.92 0.06 -2.30
N TRP B 140 36.92 0.39 -1.00
CA TRP B 140 35.68 0.47 -0.25
C TRP B 140 34.70 1.47 -0.86
N ARG B 141 35.21 2.34 -1.73
CA ARG B 141 34.39 3.35 -2.40
C ARG B 141 33.31 2.71 -3.27
N ASP B 142 33.51 1.46 -3.68
CA ASP B 142 32.50 0.70 -4.43
C ASP B 142 31.53 -0.06 -3.53
N ILE B 143 31.88 -0.32 -2.28
CA ILE B 143 31.12 -1.27 -1.46
C ILE B 143 30.18 -0.54 -0.51
N VAL B 144 30.67 0.51 0.17
CA VAL B 144 29.88 1.34 1.07
C VAL B 144 29.31 2.54 0.33
N SER B 145 28.10 2.94 0.72
CA SER B 145 27.43 4.09 0.12
C SER B 145 28.13 5.40 0.51
N SER B 146 27.85 6.44 -0.28
CA SER B 146 28.55 7.70 -0.11
C SER B 146 28.26 8.35 1.23
N ASP B 147 26.99 8.30 1.68
CA ASP B 147 26.58 8.96 2.92
C ASP B 147 27.51 8.61 4.08
N PHE B 148 28.21 7.49 4.00
CA PHE B 148 29.10 7.03 5.07
C PHE B 148 30.58 7.03 4.70
N LEU B 149 30.93 7.49 3.50
CA LEU B 149 32.36 7.58 3.12
C LEU B 149 33.10 8.60 3.99
N SER B 150 32.39 9.43 4.75
CA SER B 150 33.05 10.36 5.65
C SER B 150 33.38 9.73 6.98
N ASN B 151 32.50 8.86 7.47
CA ASN B 151 32.59 8.19 8.76
C ASN B 151 33.57 7.01 8.75
N MET B 152 34.40 6.88 7.71
CA MET B 152 35.29 5.73 7.59
C MET B 152 36.53 5.89 8.47
N SER B 153 37.11 4.75 8.84
CA SER B 153 38.31 4.70 9.69
C SER B 153 39.19 3.57 9.18
N MET B 154 40.08 3.89 8.24
CA MET B 154 40.88 2.89 7.54
C MET B 154 42.36 3.09 7.89
N ASP B 155 42.94 2.09 8.57
CA ASP B 155 44.34 2.11 9.00
C ASP B 155 44.86 0.67 8.90
N PHE B 156 45.55 0.36 7.81
CA PHE B 156 46.06 -0.96 7.49
C PHE B 156 47.57 -0.91 7.65
N GLN B 157 48.15 -1.75 8.52
CA GLN B 157 49.60 -1.79 8.63
C GLN B 157 50.03 -3.22 8.94
N ASN B 158 50.38 -3.97 7.89
CA ASN B 158 51.01 -5.28 8.02
C ASN B 158 52.52 -5.07 7.97
N HIS B 159 53.17 -5.18 9.13
CA HIS B 159 54.55 -4.73 9.26
C HIS B 159 55.52 -5.62 8.50
N LEU B 160 55.28 -6.93 8.51
CA LEU B 160 56.18 -7.83 7.78
C LEU B 160 56.17 -7.54 6.29
N GLY B 161 55.03 -7.15 5.74
CA GLY B 161 54.92 -6.86 4.32
C GLY B 161 55.07 -8.11 3.48
N SER B 162 55.13 -9.27 4.12
CA SER B 162 55.32 -10.53 3.41
C SER B 162 53.98 -11.15 3.05
N CYS B 163 53.25 -10.45 2.19
CA CYS B 163 51.99 -10.90 1.63
C CYS B 163 52.13 -10.91 0.12
N GLN B 164 51.81 -12.04 -0.50
CA GLN B 164 51.87 -12.14 -1.95
C GLN B 164 51.04 -11.04 -2.59
N LYS B 165 51.51 -10.53 -3.72
CA LYS B 165 50.87 -9.39 -4.35
C LYS B 165 49.54 -9.79 -4.99
N CYS B 166 48.69 -8.80 -5.20
CA CYS B 166 47.43 -9.04 -5.89
C CYS B 166 47.69 -9.47 -7.33
N ASP B 167 46.77 -10.27 -7.87
CA ASP B 167 46.93 -10.81 -9.20
C ASP B 167 47.03 -9.68 -10.23
N PRO B 168 47.83 -9.87 -11.29
CA PRO B 168 47.96 -8.81 -12.31
C PRO B 168 46.65 -8.40 -12.94
N SER B 169 45.64 -9.26 -12.96
CA SER B 169 44.37 -8.97 -13.61
C SER B 169 43.37 -8.28 -12.69
N CYS B 170 43.78 -7.89 -11.49
CA CYS B 170 42.86 -7.26 -10.58
C CYS B 170 42.67 -5.81 -10.92
N PRO B 171 41.45 -5.26 -10.74
CA PRO B 171 41.18 -3.84 -11.11
C PRO B 171 41.93 -2.87 -10.23
N ASN B 172 42.77 -2.08 -10.82
CA ASN B 172 43.60 -1.07 -10.10
C ASN B 172 44.37 -1.72 -8.94
N GLY B 173 44.72 -3.00 -9.12
CA GLY B 173 45.49 -3.71 -8.12
C GLY B 173 44.74 -4.05 -6.85
N SER B 174 43.43 -4.23 -6.93
CA SER B 174 42.58 -4.44 -5.76
C SER B 174 42.19 -5.91 -5.64
N CYS B 175 42.46 -6.49 -4.46
CA CYS B 175 42.09 -7.88 -4.22
C CYS B 175 41.98 -8.11 -2.72
N TRP B 176 41.28 -9.19 -2.37
CA TRP B 176 41.15 -9.63 -0.98
C TRP B 176 42.19 -10.65 -0.57
N GLY B 177 42.93 -11.22 -1.51
CA GLY B 177 43.91 -12.23 -1.18
C GLY B 177 44.64 -12.73 -2.41
N ALA B 178 45.32 -13.86 -2.24
CA ALA B 178 46.14 -14.42 -3.32
C ALA B 178 45.27 -15.15 -4.33
N GLY B 179 45.55 -14.92 -5.61
CA GLY B 179 44.86 -15.59 -6.69
C GLY B 179 43.97 -14.63 -7.47
N GLU B 180 43.59 -15.09 -8.68
CA GLU B 180 42.68 -14.32 -9.51
C GLU B 180 41.25 -14.37 -8.99
N GLU B 181 40.89 -15.41 -8.25
CA GLU B 181 39.53 -15.51 -7.73
C GLU B 181 39.24 -14.45 -6.68
N ASN B 182 40.25 -14.02 -5.94
CA ASN B 182 40.08 -13.03 -4.87
C ASN B 182 40.20 -11.60 -5.36
N CYS B 183 40.31 -11.38 -6.68
CA CYS B 183 40.26 -10.03 -7.21
C CYS B 183 38.97 -9.34 -6.78
N GLN B 184 39.05 -8.03 -6.56
CA GLN B 184 37.85 -7.29 -6.21
C GLN B 184 36.95 -7.16 -7.43
N LYS B 185 35.65 -7.24 -7.21
CA LYS B 185 34.65 -7.11 -8.27
C LYS B 185 33.89 -5.81 -8.06
N LEU B 186 34.00 -4.90 -9.02
CA LEU B 186 33.39 -3.58 -8.94
C LEU B 186 32.05 -3.58 -9.66
N THR B 187 31.01 -3.08 -8.99
CA THR B 187 29.67 -3.05 -9.54
C THR B 187 29.00 -1.70 -9.31
N LYS B 188 29.77 -0.64 -9.04
CA LYS B 188 29.21 0.66 -8.66
C LYS B 188 29.96 1.80 -9.33
N ILE B 189 31.28 1.88 -9.10
CA ILE B 189 32.07 3.00 -9.61
C ILE B 189 32.42 2.87 -11.09
N ILE B 190 32.03 1.76 -11.72
CA ILE B 190 32.36 1.49 -13.12
C ILE B 190 31.22 1.86 -14.06
N CYS B 191 30.03 2.12 -13.55
CA CYS B 191 28.81 2.09 -14.34
C CYS B 191 28.73 3.30 -15.26
N ALA B 192 27.64 3.36 -16.02
CA ALA B 192 27.38 4.49 -16.90
C ALA B 192 26.98 5.72 -16.08
N GLN B 193 27.24 6.90 -16.64
CA GLN B 193 26.84 8.14 -15.98
C GLN B 193 25.34 8.16 -15.71
N GLN B 194 24.55 7.64 -16.65
CA GLN B 194 23.11 7.48 -16.47
C GLN B 194 22.85 6.00 -16.16
N CYS B 195 22.69 5.69 -14.88
CA CYS B 195 22.45 4.33 -14.44
C CYS B 195 21.65 4.35 -13.14
N SER B 196 20.70 3.43 -13.02
CA SER B 196 19.78 3.39 -11.88
C SER B 196 20.30 2.36 -10.89
N GLY B 197 21.17 2.79 -9.99
CA GLY B 197 21.69 1.93 -8.94
C GLY B 197 23.05 1.37 -9.30
N ARG B 198 23.18 0.04 -9.23
CA ARG B 198 24.42 -0.65 -9.53
C ARG B 198 24.37 -1.26 -10.92
N CYS B 199 25.44 -1.94 -11.29
CA CYS B 199 25.56 -2.52 -12.63
C CYS B 199 26.43 -3.76 -12.57
N ARG B 200 26.54 -4.42 -13.72
CA ARG B 200 27.40 -5.59 -13.88
C ARG B 200 28.45 -5.37 -14.96
N GLY B 201 28.53 -4.16 -15.50
CA GLY B 201 29.46 -3.87 -16.57
C GLY B 201 29.58 -2.38 -16.76
N LYS B 202 30.48 -2.03 -17.69
CA LYS B 202 30.93 -0.69 -18.02
C LYS B 202 29.98 -0.08 -19.02
N SER B 203 29.65 -0.90 -20.00
CA SER B 203 28.79 -0.51 -21.09
C SER B 203 27.47 0.03 -20.56
N PRO B 204 26.91 1.09 -21.16
CA PRO B 204 25.69 1.70 -20.62
C PRO B 204 24.50 0.76 -20.63
N SER B 205 24.66 -0.45 -21.16
CA SER B 205 23.59 -1.42 -21.33
C SER B 205 23.64 -2.51 -20.26
N ASP B 206 24.47 -2.33 -19.24
CA ASP B 206 24.70 -3.35 -18.22
C ASP B 206 24.16 -2.92 -16.86
N CYS B 207 23.25 -1.95 -16.83
CA CYS B 207 22.70 -1.47 -15.57
C CYS B 207 21.81 -2.53 -14.91
N CYS B 208 21.66 -2.42 -13.59
CA CYS B 208 20.78 -3.27 -12.82
C CYS B 208 19.50 -2.52 -12.45
N HIS B 209 18.46 -3.28 -12.08
CA HIS B 209 17.23 -2.73 -11.52
C HIS B 209 17.53 -2.06 -10.18
N ASN B 210 16.76 -1.01 -9.82
CA ASN B 210 17.17 -0.26 -8.62
C ASN B 210 17.04 -1.09 -7.36
N GLN B 211 16.36 -2.23 -7.42
CA GLN B 211 16.19 -3.09 -6.28
C GLN B 211 17.32 -4.10 -6.13
N CYS B 212 18.24 -4.15 -7.07
CA CYS B 212 19.40 -5.04 -6.96
C CYS B 212 20.40 -4.46 -5.98
N ALA B 213 20.86 -5.29 -5.04
CA ALA B 213 21.65 -4.81 -3.90
C ALA B 213 23.15 -4.98 -4.09
N ALA B 214 23.61 -6.14 -4.54
CA ALA B 214 25.04 -6.36 -4.74
C ALA B 214 25.45 -6.32 -6.21
N GLY B 215 24.52 -6.65 -7.10
CA GLY B 215 24.84 -6.79 -8.51
C GLY B 215 23.69 -7.48 -9.21
N CYS B 216 23.95 -7.96 -10.42
CA CYS B 216 22.88 -8.58 -11.18
C CYS B 216 23.46 -9.45 -12.30
N THR B 217 22.65 -10.43 -12.71
CA THR B 217 22.96 -11.29 -13.85
C THR B 217 22.41 -10.72 -15.16
N GLY B 218 21.22 -10.13 -15.10
CA GLY B 218 20.64 -9.42 -16.22
C GLY B 218 20.20 -8.04 -15.78
N PRO B 219 19.36 -7.38 -16.56
CA PRO B 219 18.86 -6.05 -16.20
C PRO B 219 17.51 -6.01 -15.50
N ARG B 220 16.85 -7.15 -15.29
CA ARG B 220 15.48 -7.17 -14.80
C ARG B 220 15.43 -7.23 -13.27
N GLU B 221 14.21 -7.11 -12.74
CA GLU B 221 14.00 -7.11 -11.29
C GLU B 221 14.29 -8.47 -10.69
N SER B 222 14.08 -9.52 -11.47
CA SER B 222 14.34 -10.89 -11.07
C SER B 222 15.77 -11.33 -11.36
N ASP B 223 16.64 -10.41 -11.76
CA ASP B 223 18.04 -10.70 -12.11
C ASP B 223 19.05 -10.27 -11.05
N CYS B 224 18.58 -9.89 -9.86
CA CYS B 224 19.47 -9.32 -8.84
C CYS B 224 20.29 -10.41 -8.16
N LEU B 225 21.49 -10.01 -7.72
CA LEU B 225 22.27 -10.86 -6.82
C LEU B 225 21.63 -10.91 -5.44
N VAL B 226 21.23 -9.75 -4.91
CA VAL B 226 20.58 -9.62 -3.61
C VAL B 226 19.48 -8.58 -3.74
N CYS B 227 18.42 -8.77 -2.94
CA CYS B 227 17.31 -7.82 -2.92
C CYS B 227 17.62 -6.64 -2.02
N ARG B 228 17.36 -5.42 -2.50
CA ARG B 228 17.61 -4.22 -1.71
C ARG B 228 16.56 -4.04 -0.63
N LYS B 229 15.33 -4.49 -0.87
CA LYS B 229 14.26 -4.32 0.12
C LYS B 229 13.56 -5.65 0.39
N PHE B 230 12.52 -5.95 -0.39
CA PHE B 230 11.74 -7.18 -0.24
C PHE B 230 12.09 -8.17 -1.33
N ARG B 231 11.81 -9.44 -1.06
CA ARG B 231 11.90 -10.50 -2.05
C ARG B 231 10.54 -11.17 -2.18
N ASP B 232 10.04 -11.27 -3.42
CA ASP B 232 8.76 -11.90 -3.72
C ASP B 232 9.03 -13.06 -4.68
N GLU B 233 9.15 -14.28 -4.14
CA GLU B 233 9.49 -15.47 -4.95
C GLU B 233 10.53 -15.16 -6.03
N ALA B 234 11.73 -14.81 -5.58
CA ALA B 234 12.87 -14.56 -6.45
C ALA B 234 12.60 -13.37 -7.39
N THR B 235 11.93 -12.36 -6.86
CA THR B 235 11.79 -11.07 -7.52
C THR B 235 11.86 -9.98 -6.47
N CYS B 236 12.76 -9.01 -6.66
CA CYS B 236 12.99 -7.96 -5.69
C CYS B 236 12.00 -6.82 -5.91
N LYS B 237 11.33 -6.40 -4.84
CA LYS B 237 10.28 -5.40 -4.93
C LYS B 237 10.39 -4.41 -3.78
N ASP B 238 9.94 -3.18 -4.03
CA ASP B 238 10.06 -2.12 -3.05
C ASP B 238 9.12 -2.39 -1.88
N THR B 239 7.93 -2.91 -2.18
CA THR B 239 6.97 -3.38 -1.20
C THR B 239 6.27 -4.62 -1.77
N CYS B 240 5.75 -5.45 -0.87
CA CYS B 240 4.95 -6.58 -1.31
C CYS B 240 3.65 -6.07 -1.93
N PRO B 241 3.14 -6.73 -2.97
CA PRO B 241 1.90 -6.27 -3.60
C PRO B 241 0.74 -6.29 -2.62
N PRO B 242 -0.02 -5.21 -2.53
CA PRO B 242 -1.13 -5.17 -1.57
C PRO B 242 -2.18 -6.20 -1.91
N LEU B 243 -2.89 -6.65 -0.88
CA LEU B 243 -4.02 -7.55 -1.10
C LEU B 243 -5.06 -6.89 -2.02
N MET B 244 -5.29 -5.59 -1.83
CA MET B 244 -6.31 -4.85 -2.55
C MET B 244 -5.66 -3.73 -3.37
N LEU B 245 -6.20 -3.50 -4.57
CA LEU B 245 -5.78 -2.41 -5.45
C LEU B 245 -6.93 -1.41 -5.62
N TYR B 246 -6.58 -0.13 -5.67
CA TYR B 246 -7.58 0.91 -5.90
C TYR B 246 -7.86 1.05 -7.39
N ASN B 247 -9.13 1.27 -7.74
CA ASN B 247 -9.52 1.40 -9.13
C ASN B 247 -9.67 2.88 -9.47
N PRO B 248 -8.80 3.46 -10.29
CA PRO B 248 -8.95 4.90 -10.60
C PRO B 248 -10.18 5.23 -11.41
N THR B 249 -10.81 4.25 -12.07
CA THR B 249 -11.98 4.49 -12.90
C THR B 249 -13.27 4.41 -12.10
N THR B 250 -13.47 3.32 -11.37
CA THR B 250 -14.54 3.19 -10.40
C THR B 250 -13.92 3.39 -9.03
N TYR B 251 -14.26 4.49 -8.37
CA TYR B 251 -13.57 4.82 -7.10
C TYR B 251 -13.97 3.76 -6.07
N GLN B 252 -13.36 2.58 -6.22
CA GLN B 252 -13.64 1.41 -5.42
C GLN B 252 -12.33 0.65 -5.19
N MET B 253 -12.40 -0.39 -4.35
CA MET B 253 -11.28 -1.30 -4.14
C MET B 253 -11.56 -2.64 -4.82
N ASP B 254 -10.64 -3.06 -5.68
CA ASP B 254 -10.66 -4.37 -6.31
C ASP B 254 -9.64 -5.28 -5.65
N VAL B 255 -9.79 -6.58 -5.91
CA VAL B 255 -8.86 -7.58 -5.39
C VAL B 255 -7.61 -7.63 -6.28
N ASN B 256 -6.46 -7.92 -5.67
CA ASN B 256 -5.22 -8.10 -6.41
C ASN B 256 -4.84 -9.58 -6.42
N PRO B 257 -4.59 -10.17 -7.58
CA PRO B 257 -4.22 -11.60 -7.61
C PRO B 257 -2.75 -11.87 -7.32
N GLU B 258 -1.84 -10.92 -7.54
CA GLU B 258 -0.46 -11.07 -7.10
C GLU B 258 -0.26 -10.61 -5.66
N GLY B 259 -1.32 -10.17 -4.99
CA GLY B 259 -1.22 -9.71 -3.62
C GLY B 259 -0.67 -10.76 -2.69
N LYS B 260 0.34 -10.38 -1.89
CA LYS B 260 0.92 -11.27 -0.91
C LYS B 260 1.14 -10.54 0.39
N TYR B 261 1.55 -11.28 1.41
CA TYR B 261 1.70 -10.77 2.76
C TYR B 261 3.17 -10.41 3.02
N SER B 262 3.40 -9.33 3.76
CA SER B 262 4.75 -8.93 4.14
C SER B 262 5.16 -9.67 5.40
N PHE B 263 6.26 -10.42 5.30
CA PHE B 263 6.80 -11.19 6.42
C PHE B 263 8.31 -11.00 6.40
N GLY B 264 8.82 -10.23 7.35
CA GLY B 264 10.23 -9.88 7.34
C GLY B 264 10.55 -9.14 6.06
N ALA B 265 11.53 -9.65 5.32
CA ALA B 265 11.93 -9.08 4.04
C ALA B 265 11.39 -9.88 2.86
N THR B 266 10.37 -10.70 3.07
CA THR B 266 9.84 -11.56 2.02
C THR B 266 8.34 -11.34 1.85
N CYS B 267 7.86 -11.71 0.67
CA CYS B 267 6.44 -11.68 0.33
C CYS B 267 5.95 -13.12 0.27
N VAL B 268 5.08 -13.49 1.19
CA VAL B 268 4.62 -14.87 1.33
C VAL B 268 3.18 -14.96 0.88
N LYS B 269 2.78 -16.19 0.52
CA LYS B 269 1.39 -16.42 0.13
C LYS B 269 0.46 -16.48 1.34
N LYS B 270 0.97 -16.90 2.49
CA LYS B 270 0.20 -16.93 3.72
C LYS B 270 1.14 -16.72 4.89
N CYS B 271 0.64 -16.05 5.93
CA CYS B 271 1.45 -15.76 7.10
C CYS B 271 1.85 -17.06 7.79
N PRO B 272 3.08 -17.15 8.31
CA PRO B 272 3.50 -18.33 9.08
C PRO B 272 2.60 -18.70 10.24
N ARG B 273 2.93 -19.81 10.90
CA ARG B 273 2.00 -20.47 11.81
C ARG B 273 1.68 -19.61 13.03
N ASN B 274 2.70 -19.04 13.66
CA ASN B 274 2.53 -18.33 14.92
C ASN B 274 2.45 -16.82 14.76
N TYR B 275 2.37 -16.31 13.53
CA TYR B 275 2.31 -14.89 13.30
C TYR B 275 0.87 -14.45 13.02
N VAL B 276 0.51 -13.31 13.59
CA VAL B 276 -0.80 -12.70 13.42
C VAL B 276 -0.78 -11.73 12.24
N VAL B 277 -1.88 -11.74 11.47
CA VAL B 277 -2.04 -11.03 10.21
C VAL B 277 -3.02 -9.87 10.36
N THR B 278 -2.67 -8.73 9.76
CA THR B 278 -3.50 -7.53 9.74
C THR B 278 -4.21 -7.37 8.40
N ASP B 279 -5.12 -6.40 8.35
CA ASP B 279 -5.91 -6.17 7.14
C ASP B 279 -5.09 -5.58 6.01
N HIS B 280 -3.92 -5.01 6.29
CA HIS B 280 -3.05 -4.53 5.23
C HIS B 280 -2.47 -5.68 4.43
N GLY B 281 -2.21 -6.81 5.08
CA GLY B 281 -1.51 -7.91 4.46
C GLY B 281 -0.08 -7.97 4.92
N SER B 282 0.12 -7.91 6.23
CA SER B 282 1.46 -7.93 6.82
C SER B 282 1.44 -8.78 8.09
N CYS B 283 2.39 -9.70 8.20
CA CYS B 283 2.48 -10.58 9.35
C CYS B 283 3.22 -9.86 10.47
N VAL B 284 2.51 -9.57 11.56
CA VAL B 284 3.08 -8.85 12.69
C VAL B 284 3.25 -9.81 13.87
N ARG B 285 3.86 -9.31 14.93
CA ARG B 285 4.07 -10.10 16.14
C ARG B 285 3.11 -9.74 17.27
N ALA B 286 2.48 -8.57 17.21
CA ALA B 286 1.47 -8.18 18.18
C ALA B 286 0.57 -7.13 17.57
N CYS B 287 -0.73 -7.20 17.88
CA CYS B 287 -1.66 -6.15 17.49
C CYS B 287 -1.51 -4.97 18.44
N GLY B 288 -1.61 -3.76 17.89
CA GLY B 288 -1.34 -2.56 18.64
C GLY B 288 -2.42 -2.25 19.67
N ALA B 289 -2.32 -1.04 20.22
CA ALA B 289 -3.33 -0.58 21.16
C ALA B 289 -4.68 -0.45 20.48
N ASP B 290 -5.76 -0.59 21.25
CA ASP B 290 -7.14 -0.53 20.68
C ASP B 290 -7.28 -1.63 19.62
N SER B 291 -6.57 -2.74 19.80
CA SER B 291 -6.61 -3.87 18.87
C SER B 291 -6.45 -5.17 19.65
N TYR B 292 -6.85 -6.27 19.01
CA TYR B 292 -6.81 -7.57 19.67
C TYR B 292 -6.72 -8.67 18.63
N GLU B 293 -6.26 -9.83 19.08
CA GLU B 293 -6.13 -11.00 18.22
C GLU B 293 -7.34 -11.90 18.36
N MET B 294 -7.76 -12.50 17.26
CA MET B 294 -8.90 -13.41 17.27
C MET B 294 -8.80 -14.35 16.07
N GLU B 295 -9.85 -15.15 15.83
CA GLU B 295 -9.74 -16.18 14.77
C GLU B 295 -10.84 -16.01 13.71
N GLU B 296 -10.47 -15.59 12.50
CA GLU B 296 -11.45 -15.46 11.40
C GLU B 296 -11.04 -16.42 10.28
N ASP B 297 -11.95 -17.27 9.81
CA ASP B 297 -11.59 -18.27 8.77
C ASP B 297 -10.47 -19.16 9.31
N GLY B 298 -10.50 -19.44 10.61
CA GLY B 298 -9.45 -20.29 11.23
C GLY B 298 -8.08 -19.67 11.09
N VAL B 299 -8.00 -18.34 11.08
CA VAL B 299 -6.69 -17.63 10.92
C VAL B 299 -6.58 -16.58 12.03
N ARG B 300 -5.48 -16.61 12.79
CA ARG B 300 -5.25 -15.61 13.85
C ARG B 300 -5.09 -14.32 13.06
N LYS B 301 -5.62 -13.22 13.55
CA LYS B 301 -5.81 -11.99 12.84
C LYS B 301 -6.05 -10.87 13.86
N CYS B 302 -5.67 -9.67 13.42
CA CYS B 302 -5.74 -8.43 14.17
C CYS B 302 -7.05 -7.73 13.85
N LYS B 303 -7.84 -7.46 14.89
CA LYS B 303 -9.07 -6.71 14.76
C LYS B 303 -9.02 -5.47 15.65
N LYS B 304 -9.84 -4.49 15.31
CA LYS B 304 -9.95 -3.26 16.09
C LYS B 304 -10.96 -3.44 17.22
N CYS B 305 -10.60 -2.95 18.40
CA CYS B 305 -11.49 -3.05 19.56
C CYS B 305 -12.72 -2.20 19.32
N GLU B 306 -13.89 -2.79 19.58
CA GLU B 306 -15.14 -2.04 19.41
C GLU B 306 -15.22 -0.88 20.41
N GLY B 307 -14.83 -1.12 21.66
CA GLY B 307 -14.95 -0.15 22.71
C GLY B 307 -14.13 -0.50 23.92
N PRO B 308 -14.49 -1.57 24.62
CA PRO B 308 -13.67 -2.03 25.75
C PRO B 308 -12.46 -2.80 25.24
N CYS B 309 -11.31 -2.54 25.84
CA CYS B 309 -10.07 -3.06 25.29
C CYS B 309 -9.03 -3.19 26.39
N ARG B 310 -8.20 -4.22 26.26
CA ARG B 310 -7.20 -4.52 27.27
C ARG B 310 -5.96 -3.65 27.08
N LYS B 311 -5.39 -3.19 28.19
CA LYS B 311 -4.20 -2.35 28.12
C LYS B 311 -2.99 -3.18 27.74
N VAL B 312 -2.29 -2.73 26.70
CA VAL B 312 -1.12 -3.42 26.15
C VAL B 312 0.12 -2.57 26.44
N CYS B 313 1.21 -3.22 26.83
CA CYS B 313 2.44 -2.53 27.19
C CYS B 313 3.63 -3.20 26.53
N ASN B 314 4.62 -2.37 26.17
CA ASN B 314 5.82 -2.87 25.52
C ASN B 314 6.62 -3.73 26.49
N GLY B 315 7.31 -4.73 25.91
CA GLY B 315 8.19 -5.58 26.68
C GLY B 315 9.55 -4.94 26.92
N ILE B 316 10.39 -5.66 27.64
CA ILE B 316 11.75 -5.19 27.91
C ILE B 316 12.52 -5.15 26.60
N GLY B 317 13.08 -3.98 26.29
CA GLY B 317 13.82 -3.78 25.05
C GLY B 317 13.09 -2.96 24.01
N ILE B 318 11.90 -2.43 24.31
CA ILE B 318 11.12 -1.64 23.36
C ILE B 318 10.71 -0.34 24.04
N GLY B 319 10.88 0.78 23.33
CA GLY B 319 10.39 2.05 23.86
C GLY B 319 11.23 2.57 25.02
N GLU B 320 10.57 2.84 26.15
CA GLU B 320 11.22 3.40 27.34
C GLU B 320 12.14 2.40 28.02
N PHE B 321 12.27 1.24 27.38
CA PHE B 321 12.75 -0.04 27.88
C PHE B 321 14.00 -0.44 27.11
N LYS B 322 14.56 0.52 26.36
CA LYS B 322 15.35 0.20 25.18
C LYS B 322 16.64 -0.54 25.54
N ASP B 323 17.33 -0.09 26.59
CA ASP B 323 18.55 -0.76 26.99
C ASP B 323 18.44 -1.16 28.44
N SER B 324 17.33 -1.79 28.79
CA SER B 324 17.04 -2.24 30.14
C SER B 324 17.33 -3.73 30.23
N LEU B 325 18.10 -4.11 31.26
CA LEU B 325 18.38 -5.53 31.46
C LEU B 325 17.24 -6.23 32.15
N SER B 326 16.55 -5.55 33.06
CA SER B 326 15.56 -6.21 33.89
C SER B 326 14.40 -5.28 34.18
N ILE B 327 13.35 -5.86 34.76
CA ILE B 327 12.28 -5.11 35.41
C ILE B 327 12.94 -4.42 36.60
N ASN B 328 13.23 -3.12 36.51
CA ASN B 328 13.94 -2.51 37.62
C ASN B 328 13.13 -1.39 38.27
N ALA B 329 13.66 -0.89 39.39
CA ALA B 329 12.90 0.00 40.26
C ALA B 329 12.48 1.28 39.56
N THR B 330 13.23 1.73 38.56
CA THR B 330 12.85 2.93 37.83
C THR B 330 12.00 2.67 36.59
N ASN B 331 11.65 1.41 36.29
CA ASN B 331 10.77 1.15 35.16
C ASN B 331 9.58 0.26 35.46
N ILE B 332 9.51 -0.37 36.64
CA ILE B 332 8.33 -1.16 36.96
C ILE B 332 7.06 -0.33 36.86
N LYS B 333 7.15 0.98 37.08
CA LYS B 333 5.96 1.81 37.19
C LYS B 333 5.14 1.82 35.89
N HIS B 334 5.78 1.61 34.74
CA HIS B 334 5.04 1.62 33.49
C HIS B 334 4.30 0.31 33.21
N PHE B 335 4.36 -0.66 34.10
CA PHE B 335 3.70 -1.95 33.91
C PHE B 335 2.39 -2.08 34.68
N LYS B 336 1.84 -0.97 35.19
CA LYS B 336 0.97 -1.04 36.36
C LYS B 336 -0.33 -1.79 36.08
N ASN B 337 -1.09 -1.38 35.06
CA ASN B 337 -2.38 -1.99 34.76
C ASN B 337 -2.36 -2.78 33.45
N CYS B 338 -1.20 -3.29 33.05
CA CYS B 338 -1.11 -4.02 31.79
C CYS B 338 -1.75 -5.40 31.93
N THR B 339 -2.51 -5.79 30.91
CA THR B 339 -3.01 -7.16 30.81
C THR B 339 -2.25 -7.97 29.76
N SER B 340 -1.58 -7.31 28.82
CA SER B 340 -0.91 -7.96 27.72
C SER B 340 0.43 -7.27 27.48
N ILE B 341 1.49 -8.06 27.28
CA ILE B 341 2.83 -7.55 27.03
C ILE B 341 3.17 -7.82 25.58
N SER B 342 3.49 -6.75 24.83
CA SER B 342 3.94 -6.90 23.45
C SER B 342 5.47 -6.90 23.45
N GLY B 343 6.02 -8.02 23.83
CA GLY B 343 7.46 -8.18 23.95
C GLY B 343 7.79 -9.26 24.97
N ASP B 344 8.86 -9.02 25.73
CA ASP B 344 9.44 -10.03 26.63
C ASP B 344 9.56 -9.45 28.02
N LEU B 345 9.63 -10.32 29.04
CA LEU B 345 9.93 -9.86 30.39
C LEU B 345 11.18 -10.56 30.92
N HIS B 346 12.17 -9.74 31.29
CA HIS B 346 13.40 -10.19 31.94
C HIS B 346 13.36 -9.76 33.40
N ILE B 347 13.66 -10.70 34.31
CA ILE B 347 13.82 -10.41 35.73
C ILE B 347 15.15 -10.98 36.16
N LEU B 348 16.11 -10.11 36.50
CA LEU B 348 17.46 -10.56 36.77
C LEU B 348 17.86 -10.15 38.20
N PRO B 349 18.91 -10.75 38.75
CA PRO B 349 19.32 -10.38 40.13
C PRO B 349 19.68 -8.92 40.29
N VAL B 350 20.22 -8.29 39.23
CA VAL B 350 20.61 -6.88 39.28
C VAL B 350 19.42 -6.00 39.65
N ALA B 351 18.20 -6.44 39.32
CA ALA B 351 17.02 -5.66 39.66
C ALA B 351 16.87 -5.52 41.18
N PHE B 352 17.00 -6.63 41.90
CA PHE B 352 16.85 -6.57 43.35
C PHE B 352 18.09 -5.98 44.02
N ARG B 353 19.29 -6.22 43.46
CA ARG B 353 20.51 -5.69 44.06
C ARG B 353 20.81 -4.25 43.66
N GLY B 354 20.14 -3.70 42.63
CA GLY B 354 20.44 -2.36 42.18
C GLY B 354 21.69 -2.28 41.32
N ASP B 355 21.77 -1.32 40.41
CA ASP B 355 22.88 -1.20 39.48
C ASP B 355 23.48 0.21 39.55
N SER B 356 24.78 0.27 39.86
CA SER B 356 25.47 1.56 39.91
C SER B 356 25.56 2.18 38.52
N PHE B 357 25.84 1.37 37.51
CA PHE B 357 26.29 1.83 36.20
C PHE B 357 25.14 2.25 35.29
N THR B 358 23.89 1.93 35.64
CA THR B 358 22.73 2.45 34.95
C THR B 358 21.92 3.39 35.83
N HIS B 359 22.45 3.75 37.01
CA HIS B 359 21.77 4.62 37.96
C HIS B 359 20.39 4.08 38.30
N THR B 360 20.37 2.89 38.90
CA THR B 360 19.14 2.15 39.16
C THR B 360 19.15 1.64 40.60
N PRO B 361 18.24 2.12 41.45
CA PRO B 361 18.22 1.66 42.85
C PRO B 361 17.64 0.27 42.96
N PRO B 362 17.82 -0.39 44.11
CA PRO B 362 17.25 -1.74 44.28
C PRO B 362 15.73 -1.73 44.15
N LEU B 363 15.20 -2.82 43.62
CA LEU B 363 13.76 -2.95 43.45
C LEU B 363 13.13 -3.39 44.77
N ASP B 364 12.04 -2.74 45.14
CA ASP B 364 11.24 -3.18 46.26
C ASP B 364 10.51 -4.45 45.87
N PRO B 365 10.80 -5.60 46.50
CA PRO B 365 10.20 -6.87 46.05
C PRO B 365 8.69 -6.83 45.92
N GLN B 366 8.01 -6.19 46.88
CA GLN B 366 6.55 -6.19 46.87
C GLN B 366 5.99 -5.54 45.60
N GLU B 367 6.72 -4.61 44.98
CA GLU B 367 6.14 -4.06 43.76
C GLU B 367 6.07 -5.02 42.59
N LEU B 368 6.72 -6.19 42.67
CA LEU B 368 6.43 -7.22 41.69
C LEU B 368 4.93 -7.52 41.59
N ASP B 369 4.19 -7.25 42.67
CA ASP B 369 2.75 -7.49 42.67
C ASP B 369 2.05 -6.82 41.49
N ILE B 370 2.60 -5.72 40.97
CA ILE B 370 1.84 -5.03 39.94
C ILE B 370 1.81 -5.81 38.63
N LEU B 371 2.57 -6.91 38.55
CA LEU B 371 2.52 -7.79 37.39
C LEU B 371 1.35 -8.75 37.44
N LYS B 372 0.56 -8.74 38.52
CA LYS B 372 -0.55 -9.69 38.62
C LYS B 372 -1.65 -9.43 37.60
N THR B 373 -1.70 -8.23 37.02
CA THR B 373 -2.69 -7.95 35.99
C THR B 373 -2.31 -8.51 34.62
N VAL B 374 -1.07 -8.95 34.45
CA VAL B 374 -0.61 -9.46 33.15
C VAL B 374 -1.12 -10.88 32.96
N LYS B 375 -1.80 -11.11 31.83
CA LYS B 375 -2.28 -12.43 31.48
C LYS B 375 -1.73 -12.95 30.16
N GLU B 376 -1.10 -12.10 29.35
CA GLU B 376 -0.65 -12.48 28.02
C GLU B 376 0.73 -11.88 27.79
N ILE B 377 1.70 -12.74 27.46
CA ILE B 377 3.02 -12.33 27.01
C ILE B 377 3.20 -12.86 25.60
N THR B 378 3.51 -11.96 24.67
CA THR B 378 3.65 -12.37 23.28
C THR B 378 5.03 -12.95 22.98
N GLY B 379 6.03 -12.57 23.77
CA GLY B 379 7.37 -13.10 23.58
C GLY B 379 7.73 -14.18 24.58
N PHE B 380 8.79 -13.99 25.34
CA PHE B 380 9.25 -14.98 26.31
C PHE B 380 9.26 -14.39 27.72
N LEU B 381 9.29 -15.28 28.71
CA LEU B 381 9.40 -14.93 30.11
C LEU B 381 10.70 -15.50 30.66
N LEU B 382 11.67 -14.63 30.93
CA LEU B 382 12.94 -15.01 31.52
C LEU B 382 12.95 -14.54 32.97
N ILE B 383 12.87 -15.48 33.91
CA ILE B 383 13.00 -15.22 35.34
C ILE B 383 14.32 -15.83 35.79
N GLN B 384 15.28 -14.96 36.11
CA GLN B 384 16.61 -15.35 36.55
C GLN B 384 16.84 -14.98 38.01
N ALA B 385 15.87 -14.30 38.63
CA ALA B 385 15.93 -13.98 40.05
C ALA B 385 14.51 -13.78 40.57
N TRP B 386 14.33 -14.05 41.86
CA TRP B 386 13.03 -13.95 42.52
C TRP B 386 13.28 -13.81 44.01
N PRO B 387 12.48 -13.04 44.74
CA PRO B 387 12.74 -12.82 46.17
C PRO B 387 13.01 -14.12 46.92
N GLU B 388 14.07 -14.10 47.74
CA GLU B 388 14.57 -15.31 48.38
C GLU B 388 13.46 -16.06 49.13
N ASN B 389 12.63 -15.32 49.87
CA ASN B 389 11.65 -15.93 50.77
C ASN B 389 10.25 -15.92 50.19
N ARG B 390 10.11 -15.85 48.87
CA ARG B 390 8.84 -16.10 48.20
C ARG B 390 8.87 -17.53 47.66
N THR B 391 7.82 -18.30 47.97
CA THR B 391 7.81 -19.73 47.68
C THR B 391 7.41 -20.07 46.25
N ASP B 392 6.66 -19.21 45.56
CA ASP B 392 6.28 -19.47 44.17
C ASP B 392 6.31 -18.16 43.40
N LEU B 393 6.00 -18.25 42.10
CA LEU B 393 5.97 -17.08 41.23
C LEU B 393 4.61 -16.41 41.39
N HIS B 394 4.48 -15.67 42.49
CA HIS B 394 3.17 -15.15 42.90
C HIS B 394 2.65 -14.09 41.94
N ALA B 395 3.55 -13.24 41.40
CA ALA B 395 3.11 -12.16 40.53
C ALA B 395 2.54 -12.67 39.22
N PHE B 396 2.80 -13.94 38.86
CA PHE B 396 2.33 -14.49 37.61
C PHE B 396 1.26 -15.55 37.80
N GLU B 397 0.55 -15.51 38.94
CA GLU B 397 -0.56 -16.41 39.19
C GLU B 397 -1.73 -16.21 38.23
N ASN B 398 -1.73 -15.12 37.46
CA ASN B 398 -2.77 -14.87 36.47
C ASN B 398 -2.23 -14.91 35.05
N LEU B 399 -0.97 -15.27 34.86
CA LEU B 399 -0.40 -15.39 33.52
C LEU B 399 -1.06 -16.55 32.81
N GLU B 400 -1.72 -16.26 31.69
CA GLU B 400 -2.51 -17.28 31.02
C GLU B 400 -1.85 -17.83 29.76
N ILE B 401 -1.15 -16.99 29.00
CA ILE B 401 -0.55 -17.45 27.75
C ILE B 401 0.80 -16.78 27.52
N ILE B 402 1.76 -17.57 27.05
CA ILE B 402 3.04 -17.09 26.54
C ILE B 402 3.11 -17.54 25.08
N ARG B 403 3.28 -16.59 24.17
CA ARG B 403 3.18 -16.91 22.76
C ARG B 403 4.52 -17.27 22.11
N GLY B 404 5.63 -16.83 22.70
CA GLY B 404 6.93 -17.18 22.15
C GLY B 404 7.17 -16.68 20.74
N ARG B 405 6.60 -15.52 20.39
CA ARG B 405 6.85 -14.96 19.06
C ARG B 405 8.29 -14.47 18.93
N THR B 406 8.85 -13.96 20.01
CA THR B 406 10.27 -13.73 20.16
C THR B 406 10.78 -14.62 21.28
N LYS B 407 11.97 -15.19 21.10
CA LYS B 407 12.48 -16.18 22.02
C LYS B 407 13.89 -15.83 22.48
N GLN B 408 14.15 -16.19 23.73
CA GLN B 408 15.49 -15.99 24.32
C GLN B 408 16.44 -16.94 23.60
N HIS B 409 17.52 -16.39 23.05
CA HIS B 409 18.51 -17.14 22.29
C HIS B 409 17.85 -17.83 21.09
N GLY B 410 16.74 -17.26 20.63
CA GLY B 410 15.99 -17.80 19.50
C GLY B 410 15.30 -19.12 19.78
N GLN B 411 15.34 -19.60 21.05
CA GLN B 411 14.89 -20.96 21.34
C GLN B 411 13.84 -21.00 22.41
N PHE B 412 14.12 -20.34 23.55
CA PHE B 412 13.36 -20.48 24.78
C PHE B 412 12.30 -19.40 24.86
N SER B 413 11.11 -19.81 25.28
CA SER B 413 10.04 -18.85 25.57
C SER B 413 9.68 -18.80 27.04
N LEU B 414 10.15 -19.75 27.85
CA LEU B 414 9.93 -19.71 29.30
C LEU B 414 11.18 -20.27 29.97
N ALA B 415 11.92 -19.40 30.67
CA ALA B 415 13.15 -19.76 31.34
C ALA B 415 13.03 -19.36 32.81
N VAL B 416 13.24 -20.33 33.70
CA VAL B 416 13.13 -20.10 35.15
C VAL B 416 14.38 -20.72 35.77
N VAL B 417 15.38 -19.90 36.10
CA VAL B 417 16.69 -20.42 36.48
C VAL B 417 17.14 -19.82 37.81
N SER B 418 17.77 -20.66 38.65
CA SER B 418 18.55 -20.24 39.81
C SER B 418 17.70 -19.54 40.88
N LEU B 419 16.58 -20.19 41.24
CA LEU B 419 15.64 -19.61 42.19
C LEU B 419 15.49 -20.49 43.43
N ASN B 420 15.16 -19.84 44.55
CA ASN B 420 14.77 -20.49 45.80
C ASN B 420 13.30 -20.89 45.90
N ILE B 421 12.50 -20.69 44.85
CA ILE B 421 11.10 -21.09 44.93
C ILE B 421 11.00 -22.60 45.16
N THR B 422 9.98 -23.01 45.91
CA THR B 422 9.71 -24.43 46.12
C THR B 422 8.68 -24.98 45.15
N SER B 423 7.76 -24.14 44.69
CA SER B 423 6.78 -24.50 43.67
C SER B 423 6.74 -23.41 42.62
N LEU B 424 6.26 -23.78 41.43
CA LEU B 424 6.20 -22.81 40.33
C LEU B 424 5.08 -21.79 40.55
N GLY B 425 3.85 -22.27 40.73
CA GLY B 425 2.75 -21.39 41.04
C GLY B 425 2.05 -20.77 39.85
N LEU B 426 2.24 -21.30 38.65
CA LEU B 426 1.66 -20.73 37.44
C LEU B 426 0.28 -21.35 37.15
N ARG B 427 -0.65 -21.13 38.09
CA ARG B 427 -1.94 -21.81 38.06
C ARG B 427 -2.74 -21.45 36.82
N SER B 428 -2.69 -20.18 36.41
CA SER B 428 -3.49 -19.74 35.27
C SER B 428 -2.87 -20.13 33.93
N LEU B 429 -1.61 -20.54 33.91
CA LEU B 429 -0.92 -20.81 32.65
C LEU B 429 -1.63 -21.91 31.88
N LYS B 430 -2.04 -21.59 30.65
CA LYS B 430 -2.85 -22.49 29.84
C LYS B 430 -2.30 -22.75 28.46
N GLU B 431 -1.38 -21.92 27.96
CA GLU B 431 -0.77 -22.16 26.65
C GLU B 431 0.63 -21.55 26.59
N ILE B 432 1.55 -22.30 26.00
CA ILE B 432 2.85 -21.80 25.54
C ILE B 432 2.89 -22.07 24.04
N SER B 433 2.65 -21.04 23.24
CA SER B 433 2.36 -21.24 21.82
C SER B 433 3.56 -21.81 21.06
N ASP B 434 4.77 -21.35 21.39
CA ASP B 434 5.96 -21.76 20.68
C ASP B 434 7.15 -21.51 21.58
N GLY B 435 8.28 -22.10 21.22
CA GLY B 435 9.47 -21.93 22.04
C GLY B 435 9.60 -23.01 23.10
N ASP B 436 10.84 -23.29 23.47
CA ASP B 436 11.12 -24.32 24.47
C ASP B 436 11.05 -23.74 25.87
N VAL B 437 10.85 -24.62 26.84
CA VAL B 437 10.78 -24.28 28.25
C VAL B 437 12.04 -24.81 28.91
N ILE B 438 12.66 -24.01 29.78
CA ILE B 438 13.81 -24.48 30.54
C ILE B 438 13.59 -24.14 32.01
N ILE B 439 13.47 -25.17 32.84
CA ILE B 439 13.36 -25.04 34.29
C ILE B 439 14.59 -25.72 34.86
N SER B 440 15.56 -24.94 35.30
CA SER B 440 16.85 -25.51 35.69
C SER B 440 17.53 -24.69 36.75
N GLY B 441 18.19 -25.37 37.69
CA GLY B 441 18.96 -24.71 38.72
C GLY B 441 18.16 -24.20 39.89
N ASN B 442 16.95 -24.70 40.09
CA ASN B 442 16.09 -24.27 41.19
C ASN B 442 16.12 -25.37 42.25
N LYS B 443 17.02 -25.19 43.22
CA LYS B 443 17.38 -26.26 44.14
C LYS B 443 16.27 -26.64 45.12
N ASN B 444 15.20 -25.86 45.20
CA ASN B 444 14.09 -26.15 46.10
C ASN B 444 12.81 -26.54 45.38
N LEU B 445 12.83 -26.60 44.05
CA LEU B 445 11.61 -26.63 43.24
C LEU B 445 11.12 -28.05 43.00
N CYS B 446 9.83 -28.28 43.27
CA CYS B 446 9.18 -29.55 42.96
C CYS B 446 8.01 -29.31 42.01
N TYR B 447 7.18 -30.35 41.86
CA TYR B 447 5.94 -30.34 41.09
C TYR B 447 6.14 -30.03 39.60
N ALA B 448 7.39 -29.96 39.13
CA ALA B 448 7.62 -29.58 37.74
C ALA B 448 7.33 -30.72 36.78
N ASN B 449 7.64 -31.96 37.18
CA ASN B 449 7.40 -33.10 36.31
C ASN B 449 5.97 -33.61 36.38
N THR B 450 5.20 -33.20 37.39
CA THR B 450 3.81 -33.62 37.45
C THR B 450 2.99 -33.11 36.27
N ILE B 451 3.40 -32.01 35.65
CA ILE B 451 2.61 -31.40 34.58
C ILE B 451 2.99 -32.00 33.23
N ASN B 452 1.97 -32.36 32.46
CA ASN B 452 2.14 -32.73 31.07
C ASN B 452 2.41 -31.47 30.26
N TRP B 453 3.69 -31.13 30.09
CA TRP B 453 4.04 -29.90 29.39
C TRP B 453 3.62 -29.91 27.92
N LYS B 454 3.28 -31.07 27.36
CA LYS B 454 2.86 -31.13 25.98
C LYS B 454 1.47 -30.55 25.79
N LYS B 455 0.57 -30.73 26.76
CA LYS B 455 -0.76 -30.15 26.68
C LYS B 455 -0.73 -28.62 26.71
N LEU B 456 0.40 -28.04 27.10
CA LEU B 456 0.53 -26.56 27.10
C LEU B 456 1.12 -26.10 25.76
N PHE B 457 1.72 -27.00 24.99
CA PHE B 457 2.40 -26.59 23.76
C PHE B 457 1.42 -26.51 22.60
N GLY B 458 1.63 -25.52 21.74
CA GLY B 458 0.78 -25.34 20.57
C GLY B 458 1.55 -25.44 19.27
N THR B 459 2.67 -26.16 19.29
CA THR B 459 3.51 -26.28 18.11
C THR B 459 4.30 -27.58 18.18
N SER B 460 4.23 -28.37 17.12
CA SER B 460 5.04 -29.57 17.05
C SER B 460 6.52 -29.22 17.05
N GLY B 461 7.28 -29.83 17.96
CA GLY B 461 8.70 -29.59 18.07
C GLY B 461 9.14 -28.91 19.36
N GLN B 462 8.20 -28.42 20.15
CA GLN B 462 8.54 -27.79 21.41
C GLN B 462 9.07 -28.82 22.40
N LYS B 463 10.04 -28.36 23.20
CA LYS B 463 10.95 -29.13 24.02
C LYS B 463 10.94 -28.58 25.44
N THR B 464 11.07 -29.44 26.44
CA THR B 464 11.09 -28.97 27.85
C THR B 464 12.33 -29.51 28.54
N LYS B 465 13.17 -28.59 29.05
CA LYS B 465 14.44 -28.99 29.70
C LYS B 465 14.35 -28.79 31.21
N ILE B 466 13.75 -29.74 31.93
CA ILE B 466 13.69 -29.67 33.42
C ILE B 466 14.92 -30.40 33.98
N ILE B 467 15.88 -29.67 34.57
CA ILE B 467 17.17 -30.25 34.98
C ILE B 467 17.77 -29.45 36.14
N SER B 468 18.62 -30.11 36.93
CA SER B 468 19.31 -29.52 38.09
C SER B 468 18.37 -28.82 39.08
N ASN B 469 17.13 -29.28 39.20
CA ASN B 469 16.26 -28.81 40.26
C ASN B 469 16.30 -29.78 41.43
N ARG B 470 15.44 -29.46 42.42
CA ARG B 470 15.28 -30.39 43.57
C ARG B 470 14.90 -31.72 42.94
N GLY B 471 15.39 -32.80 43.50
CA GLY B 471 15.23 -34.10 42.86
C GLY B 471 13.81 -34.65 43.00
N GLU B 472 13.34 -35.32 41.93
CA GLU B 472 11.96 -35.81 41.92
C GLU B 472 11.73 -36.90 42.96
N ASN B 473 12.65 -37.88 43.03
CA ASN B 473 12.49 -38.94 44.03
C ASN B 473 12.62 -38.40 45.44
N SER B 474 13.48 -37.38 45.63
CA SER B 474 13.57 -36.75 46.93
C SER B 474 12.34 -35.89 47.22
N CYS B 475 11.80 -35.22 46.19
CA CYS B 475 10.53 -34.52 46.35
C CYS B 475 9.45 -35.46 46.87
N LYS B 476 9.33 -36.61 46.23
CA LYS B 476 8.40 -37.67 46.59
C LYS B 476 8.68 -38.27 47.98
N ALA B 477 9.94 -38.25 48.41
CA ALA B 477 10.29 -38.81 49.71
C ALA B 477 9.86 -37.89 50.84
N THR B 478 9.99 -36.58 50.67
CA THR B 478 9.74 -35.63 51.75
C THR B 478 8.29 -35.15 51.81
N GLY B 479 7.41 -35.67 50.96
CA GLY B 479 6.03 -35.28 50.95
C GLY B 479 5.65 -34.21 49.94
N GLN B 480 6.63 -33.65 49.22
CA GLN B 480 6.37 -32.56 48.27
C GLN B 480 5.73 -33.15 47.01
N VAL B 481 4.43 -33.44 47.11
CA VAL B 481 3.67 -34.04 46.02
C VAL B 481 2.33 -33.32 45.87
N CYS B 482 1.66 -33.60 44.75
CA CYS B 482 0.41 -32.94 44.43
C CYS B 482 -0.68 -33.29 45.44
N HIS B 483 -1.62 -32.36 45.63
CA HIS B 483 -2.68 -32.55 46.59
C HIS B 483 -3.59 -33.71 46.18
N ALA B 484 -4.28 -34.28 47.17
CA ALA B 484 -5.15 -35.43 46.91
C ALA B 484 -6.21 -35.11 45.87
N LEU B 485 -6.81 -33.91 45.95
CA LEU B 485 -7.88 -33.54 45.03
C LEU B 485 -7.41 -33.49 43.58
N CYS B 486 -6.10 -33.43 43.33
CA CYS B 486 -5.59 -33.27 41.98
C CYS B 486 -5.87 -34.50 41.14
N SER B 487 -5.59 -34.38 39.84
CA SER B 487 -5.74 -35.43 38.84
C SER B 487 -4.37 -35.76 38.26
N PRO B 488 -4.24 -36.82 37.45
CA PRO B 488 -2.95 -37.08 36.80
C PRO B 488 -2.47 -35.97 35.87
N GLU B 489 -3.27 -34.91 35.65
CA GLU B 489 -2.82 -33.79 34.83
C GLU B 489 -1.72 -32.99 35.50
N GLY B 490 -1.51 -33.18 36.81
CA GLY B 490 -0.41 -32.56 37.52
C GLY B 490 -0.88 -31.47 38.48
N CYS B 491 0.09 -30.66 38.91
CA CYS B 491 -0.18 -29.51 39.76
C CYS B 491 0.98 -28.53 39.65
N TRP B 492 0.72 -27.27 40.02
CA TRP B 492 1.73 -26.23 40.07
C TRP B 492 2.26 -26.00 41.48
N GLY B 493 1.84 -26.82 42.43
CA GLY B 493 2.17 -26.63 43.82
C GLY B 493 1.43 -27.64 44.67
N PRO B 494 1.51 -27.49 46.00
CA PRO B 494 0.93 -28.52 46.88
C PRO B 494 -0.55 -28.32 47.20
N GLU B 495 -1.08 -27.12 47.00
CA GLU B 495 -2.45 -26.81 47.39
C GLU B 495 -3.45 -27.26 46.33
N PRO B 496 -4.70 -27.51 46.74
CA PRO B 496 -5.76 -27.77 45.74
C PRO B 496 -5.92 -26.67 44.70
N ARG B 497 -5.71 -25.40 45.06
CA ARG B 497 -5.78 -24.34 44.07
C ARG B 497 -4.73 -24.53 42.98
N ASP B 498 -3.68 -25.31 43.25
CA ASP B 498 -2.59 -25.50 42.30
C ASP B 498 -2.85 -26.61 41.29
N CYS B 499 -3.95 -27.37 41.42
CA CYS B 499 -4.20 -28.49 40.51
C CYS B 499 -4.41 -27.99 39.08
N VAL B 500 -4.07 -28.85 38.11
CA VAL B 500 -4.05 -28.45 36.71
C VAL B 500 -5.42 -28.76 36.12
N SER B 501 -5.92 -27.86 35.27
CA SER B 501 -7.22 -28.00 34.64
C SER B 501 -8.32 -28.40 35.61
N VAL C 1 -25.53 11.69 -48.71
CA VAL C 1 -25.09 10.31 -48.85
C VAL C 1 -24.60 9.78 -47.51
N SER C 2 -24.94 10.49 -46.44
CA SER C 2 -24.48 10.17 -45.09
C SER C 2 -25.61 9.72 -44.18
N ILE C 3 -26.62 10.56 -43.93
CA ILE C 3 -27.72 10.15 -43.06
C ILE C 3 -28.95 9.97 -43.92
N THR C 4 -29.91 9.25 -43.37
CA THR C 4 -31.15 8.94 -44.07
C THR C 4 -32.24 8.86 -43.01
N LYS C 5 -33.48 8.72 -43.43
CA LYS C 5 -34.56 8.58 -42.47
C LYS C 5 -34.60 7.16 -41.88
N CYS C 6 -35.23 7.05 -40.72
CA CYS C 6 -35.35 5.77 -40.01
C CYS C 6 -36.64 5.05 -40.36
N SER C 7 -36.69 3.77 -39.99
CA SER C 7 -37.82 2.91 -40.29
C SER C 7 -39.02 3.20 -39.40
N SER C 8 -40.18 2.68 -39.82
CA SER C 8 -41.40 2.85 -39.03
C SER C 8 -41.35 2.08 -37.72
N ASP C 9 -40.52 1.03 -37.62
CA ASP C 9 -40.35 0.33 -36.35
C ASP C 9 -39.74 1.25 -35.30
N MET C 10 -38.90 2.20 -35.71
CA MET C 10 -38.26 3.15 -34.81
C MET C 10 -39.22 4.29 -34.56
N ASN C 11 -40.01 4.19 -33.49
CA ASN C 11 -40.97 5.24 -33.15
C ASN C 11 -40.60 5.91 -31.82
N GLY C 12 -40.74 5.20 -30.70
CA GLY C 12 -40.36 5.76 -29.42
C GLY C 12 -38.95 5.40 -29.03
N TYR C 13 -38.05 5.26 -30.01
CA TYR C 13 -36.64 5.07 -29.69
C TYR C 13 -36.04 6.36 -29.16
N CYS C 14 -36.04 7.42 -29.97
CA CYS C 14 -35.64 8.74 -29.49
C CYS C 14 -36.71 9.29 -28.58
N LEU C 15 -36.30 9.71 -27.38
CA LEU C 15 -37.29 10.08 -26.37
C LEU C 15 -37.73 11.50 -26.59
N HIS C 16 -36.77 12.35 -26.99
CA HIS C 16 -36.96 13.74 -27.37
C HIS C 16 -36.10 13.98 -28.63
N GLY C 17 -36.49 13.38 -29.75
CA GLY C 17 -35.72 13.57 -30.96
C GLY C 17 -36.29 12.84 -32.15
N GLN C 18 -35.56 12.91 -33.26
CA GLN C 18 -35.90 12.29 -34.53
C GLN C 18 -34.85 11.25 -34.88
N CYS C 19 -35.29 10.08 -35.34
CA CYS C 19 -34.36 9.02 -35.68
C CYS C 19 -33.65 9.32 -36.99
N ILE C 20 -32.38 8.91 -37.06
CA ILE C 20 -31.53 9.11 -38.22
C ILE C 20 -30.73 7.84 -38.47
N TYR C 21 -30.74 7.35 -39.71
CA TYR C 21 -29.99 6.16 -40.09
C TYR C 21 -28.67 6.58 -40.71
N LEU C 22 -27.57 6.08 -40.15
CA LEU C 22 -26.23 6.39 -40.61
C LEU C 22 -25.78 5.22 -41.47
N VAL C 23 -25.64 5.50 -42.76
CA VAL C 23 -25.35 4.44 -43.72
C VAL C 23 -23.90 3.98 -43.73
N ASP C 24 -22.95 4.78 -43.23
CA ASP C 24 -21.54 4.30 -43.31
C ASP C 24 -21.32 3.18 -42.30
N MET C 25 -21.98 3.26 -41.14
CA MET C 25 -21.90 2.27 -40.08
C MET C 25 -23.03 1.27 -40.12
N SER C 26 -24.11 1.60 -40.83
CA SER C 26 -25.37 0.87 -40.77
C SER C 26 -25.91 0.87 -39.34
N GLN C 27 -26.05 2.06 -38.77
CA GLN C 27 -26.50 2.20 -37.38
C GLN C 27 -27.59 3.27 -37.28
N ASN C 28 -28.48 3.09 -36.32
CA ASN C 28 -29.55 4.06 -36.10
C ASN C 28 -29.23 4.93 -34.87
N TYR C 29 -29.66 6.19 -34.92
CA TYR C 29 -29.30 7.17 -33.91
C TYR C 29 -30.39 8.23 -33.84
N CYS C 30 -30.09 9.31 -33.11
CA CYS C 30 -31.09 10.33 -32.82
C CYS C 30 -30.55 11.73 -33.12
N ARG C 31 -31.48 12.65 -33.32
CA ARG C 31 -31.21 14.09 -33.38
C ARG C 31 -32.18 14.74 -32.40
N CYS C 32 -31.65 15.27 -31.31
CA CYS C 32 -32.47 15.68 -30.18
C CYS C 32 -33.03 17.09 -30.38
N GLU C 33 -34.13 17.35 -29.68
CA GLU C 33 -34.60 18.71 -29.49
C GLU C 33 -33.50 19.53 -28.83
N VAL C 34 -33.60 20.85 -28.96
CA VAL C 34 -32.58 21.69 -28.34
C VAL C 34 -32.76 21.57 -26.83
N GLY C 35 -31.65 21.34 -26.12
CA GLY C 35 -31.71 21.18 -24.68
C GLY C 35 -31.89 19.76 -24.19
N TYR C 36 -31.62 18.77 -25.02
CA TYR C 36 -31.73 17.37 -24.61
C TYR C 36 -30.52 16.61 -25.12
N THR C 37 -30.02 15.69 -24.29
CA THR C 37 -28.75 15.04 -24.56
C THR C 37 -28.87 13.56 -24.26
N GLY C 38 -27.82 12.81 -24.61
CA GLY C 38 -27.88 11.36 -24.53
C GLY C 38 -28.13 10.75 -25.89
N VAL C 39 -27.47 9.63 -26.16
CA VAL C 39 -27.71 8.79 -27.33
C VAL C 39 -29.19 8.68 -27.71
N ARG C 40 -30.07 8.58 -26.73
CA ARG C 40 -31.49 8.50 -27.02
C ARG C 40 -32.25 9.78 -26.67
N CYS C 41 -31.53 10.86 -26.33
CA CYS C 41 -32.15 12.17 -26.06
C CYS C 41 -33.02 12.13 -24.81
N GLU C 42 -32.54 11.43 -23.78
CA GLU C 42 -33.35 11.14 -22.61
C GLU C 42 -33.24 12.19 -21.51
N HIS C 43 -32.13 12.92 -21.43
CA HIS C 43 -31.87 13.82 -20.31
C HIS C 43 -31.99 15.28 -20.72
N PHE C 44 -32.63 16.07 -19.86
CA PHE C 44 -32.66 17.51 -20.05
C PHE C 44 -31.29 18.10 -19.76
N PHE C 45 -30.80 18.95 -20.65
CA PHE C 45 -29.44 19.42 -20.56
C PHE C 45 -29.47 20.79 -19.87
N LEU C 46 -28.35 21.16 -19.23
CA LEU C 46 -28.38 22.27 -18.28
C LEU C 46 -28.87 23.55 -18.94
N THR C 47 -28.43 23.81 -20.17
CA THR C 47 -28.91 24.96 -20.94
C THR C 47 -29.44 24.50 -22.28
N VAL D 1 51.20 -6.66 26.37
CA VAL D 1 49.95 -6.96 27.07
C VAL D 1 48.90 -5.91 26.71
N SER D 2 47.81 -6.36 26.07
CA SER D 2 46.75 -5.47 25.65
C SER D 2 45.43 -5.76 26.35
N ILE D 3 45.44 -6.59 27.39
CA ILE D 3 44.25 -6.85 28.21
C ILE D 3 44.68 -6.86 29.67
N THR D 4 44.16 -5.91 30.46
CA THR D 4 44.53 -5.83 31.87
C THR D 4 43.28 -6.05 32.71
N LYS D 5 43.39 -5.76 34.00
CA LYS D 5 42.26 -5.83 34.93
C LYS D 5 41.65 -4.45 35.11
N CYS D 6 40.32 -4.38 35.09
CA CYS D 6 39.61 -3.10 35.24
C CYS D 6 39.92 -2.50 36.61
N SER D 7 39.52 -1.23 36.80
CA SER D 7 39.79 -0.56 38.06
C SER D 7 38.78 -1.00 39.12
N SER D 8 38.79 -0.33 40.28
CA SER D 8 37.88 -0.71 41.37
C SER D 8 36.46 -0.26 41.07
N ASP D 9 36.30 1.00 40.64
CA ASP D 9 34.97 1.53 40.35
C ASP D 9 34.21 0.70 39.31
N MET D 10 34.88 -0.24 38.66
CA MET D 10 34.26 -1.15 37.69
C MET D 10 33.84 -2.47 38.31
N ASN D 11 33.57 -2.49 39.62
CA ASN D 11 33.39 -3.77 40.31
C ASN D 11 32.14 -4.51 39.83
N GLY D 12 30.99 -3.85 39.82
CA GLY D 12 29.75 -4.53 39.50
C GLY D 12 29.36 -4.57 38.05
N TYR D 13 30.23 -4.15 37.12
CA TYR D 13 29.83 -4.03 35.72
C TYR D 13 29.51 -5.39 35.11
N CYS D 14 30.35 -6.40 35.36
CA CYS D 14 30.07 -7.75 34.88
C CYS D 14 29.22 -8.48 35.90
N LEU D 15 28.11 -9.07 35.45
CA LEU D 15 27.18 -9.65 36.41
C LEU D 15 27.58 -11.09 36.74
N HIS D 16 27.70 -11.93 35.71
CA HIS D 16 28.20 -13.28 35.88
C HIS D 16 29.52 -13.45 35.14
N GLY D 17 30.52 -12.67 35.51
CA GLY D 17 31.80 -12.72 34.83
C GLY D 17 32.79 -11.81 35.52
N GLN D 18 34.04 -11.87 35.03
CA GLN D 18 35.12 -11.07 35.59
C GLN D 18 35.48 -9.97 34.60
N CYS D 19 35.89 -8.82 35.12
CA CYS D 19 36.05 -7.63 34.29
C CYS D 19 37.44 -7.59 33.64
N ILE D 20 37.46 -7.42 32.31
CA ILE D 20 38.70 -7.27 31.56
C ILE D 20 38.73 -5.88 30.96
N TYR D 21 39.94 -5.34 30.82
CA TYR D 21 40.14 -4.01 30.25
C TYR D 21 40.89 -4.17 28.93
N LEU D 22 40.25 -3.76 27.83
CA LEU D 22 40.83 -3.82 26.51
C LEU D 22 41.56 -2.50 26.26
N VAL D 23 42.89 -2.60 26.12
CA VAL D 23 43.79 -1.45 26.13
C VAL D 23 43.75 -0.73 24.80
N ASP D 24 43.76 -1.49 23.70
CA ASP D 24 43.55 -0.87 22.41
C ASP D 24 42.16 -0.23 22.31
N MET D 25 41.17 -0.69 23.08
CA MET D 25 39.84 -0.05 22.88
C MET D 25 39.58 0.94 24.00
N SER D 26 40.49 1.09 24.97
CA SER D 26 40.20 1.89 26.15
C SER D 26 38.79 1.60 26.63
N GLN D 27 38.44 0.31 26.68
CA GLN D 27 37.08 -0.05 27.03
C GLN D 27 37.07 -1.24 27.98
N ASN D 28 36.07 -1.29 28.84
CA ASN D 28 35.87 -2.40 29.76
C ASN D 28 34.88 -3.40 29.16
N TYR D 29 35.25 -4.68 29.19
CA TYR D 29 34.34 -5.75 28.80
C TYR D 29 34.44 -6.87 29.80
N CYS D 30 33.88 -8.03 29.49
CA CYS D 30 33.78 -9.11 30.47
C CYS D 30 34.31 -10.41 29.88
N ARG D 31 34.82 -11.25 30.78
CA ARG D 31 35.08 -12.66 30.52
C ARG D 31 34.00 -13.38 31.32
N CYS D 32 32.97 -13.84 30.61
CA CYS D 32 31.82 -14.45 31.27
C CYS D 32 32.20 -15.82 31.82
N GLU D 33 31.59 -16.18 32.95
CA GLU D 33 31.63 -17.55 33.41
C GLU D 33 31.04 -18.46 32.34
N VAL D 34 31.31 -19.77 32.47
CA VAL D 34 30.82 -20.69 31.45
C VAL D 34 29.29 -20.75 31.59
N GLY D 35 28.59 -20.76 30.47
CA GLY D 35 27.15 -20.78 30.53
C GLY D 35 26.50 -19.43 30.78
N TYR D 36 27.19 -18.34 30.47
CA TYR D 36 26.60 -17.01 30.54
C TYR D 36 27.05 -16.21 29.34
N THR D 37 26.15 -15.37 28.85
CA THR D 37 26.36 -14.58 27.64
C THR D 37 25.78 -13.18 27.82
N GLY D 38 26.06 -12.33 26.84
CA GLY D 38 25.76 -10.92 26.90
C GLY D 38 26.99 -10.10 27.26
N VAL D 39 26.96 -8.83 26.87
CA VAL D 39 28.11 -7.96 27.09
C VAL D 39 28.44 -7.88 28.58
N ARG D 40 27.42 -7.84 29.43
CA ARG D 40 27.61 -7.79 30.88
C ARG D 40 27.39 -9.15 31.54
N CYS D 41 27.36 -10.23 30.75
CA CYS D 41 27.15 -11.59 31.27
C CYS D 41 25.85 -11.68 32.06
N GLU D 42 24.78 -11.11 31.50
CA GLU D 42 23.51 -11.11 32.20
C GLU D 42 22.71 -12.39 31.98
N HIS D 43 22.79 -12.98 30.78
CA HIS D 43 21.94 -14.08 30.39
C HIS D 43 22.63 -15.42 30.61
N PHE D 44 21.94 -16.32 31.30
CA PHE D 44 22.29 -17.73 31.34
C PHE D 44 21.89 -18.38 30.03
N PHE D 45 22.70 -19.34 29.54
CA PHE D 45 22.33 -19.96 28.28
C PHE D 45 22.80 -21.40 28.36
N LEU D 46 22.20 -22.28 27.57
CA LEU D 46 22.36 -23.69 27.83
C LEU D 46 23.58 -24.19 27.06
N THR D 47 24.63 -24.56 27.79
CA THR D 47 25.90 -25.01 27.21
C THR D 47 25.81 -26.48 26.86
C1 NAG E . -10.20 -8.23 -29.76
C2 NAG E . -10.93 -9.15 -30.77
C3 NAG E . -10.42 -10.59 -30.68
C4 NAG E . -10.38 -11.11 -29.24
C5 NAG E . -9.89 -10.04 -28.28
C6 NAG E . -8.84 -10.57 -27.33
C7 NAG E . -13.19 -8.79 -31.61
C8 NAG E . -14.66 -8.79 -31.26
N2 NAG E . -12.37 -9.10 -30.61
O3 NAG E . -9.11 -10.66 -31.24
O4 NAG E . -11.67 -11.56 -28.85
O5 NAG E . -9.27 -8.98 -29.01
O6 NAG E . -7.76 -11.18 -28.03
O7 NAG E . -12.80 -8.54 -32.73
C1 NAG E . -11.75 -12.98 -28.92
C2 NAG E . -10.70 -13.59 -28.00
C3 NAG E . -11.35 -14.27 -26.81
C4 NAG E . -12.44 -13.39 -26.24
C5 NAG E . -13.58 -13.32 -27.25
C6 NAG E . -14.34 -12.02 -27.22
C7 NAG E . -10.19 -15.62 -29.32
C8 NAG E . -9.11 -16.41 -29.98
N2 NAG E . -9.81 -14.50 -28.70
O3 NAG E . -10.37 -14.54 -25.81
O4 NAG E . -12.92 -13.92 -25.02
O5 NAG E . -13.09 -13.51 -28.60
O6 NAG E . -13.53 -10.94 -26.75
O7 NAG E . -11.37 -15.99 -29.33
C1 NAG F . -35.91 -0.80 -17.18
C2 NAG F . -34.97 -0.28 -18.23
C3 NAG F . -34.28 -1.46 -18.90
C4 NAG F . -33.58 -2.33 -17.85
C5 NAG F . -34.51 -2.64 -16.67
C6 NAG F . -33.76 -3.25 -15.50
C7 NAG F . -35.05 1.53 -19.88
C8 NAG F . -35.92 2.29 -20.84
N2 NAG F . -35.66 0.55 -19.21
O3 NAG F . -33.33 -0.98 -19.86
O4 NAG F . -33.19 -3.56 -18.45
O5 NAG F . -35.17 -1.47 -16.17
O6 NAG F . -32.67 -2.43 -15.08
O7 NAG F . -33.86 1.79 -19.73
C1 NAG F . -31.79 -3.56 -18.83
C2 NAG F . -31.27 -4.99 -18.81
C3 NAG F . -29.80 -5.00 -19.18
C4 NAG F . -29.59 -4.33 -20.53
C5 NAG F . -30.25 -2.94 -20.58
C6 NAG F . -30.28 -2.36 -21.97
C7 NAG F . -32.58 -6.31 -17.22
C8 NAG F . -32.63 -6.90 -15.84
N2 NAG F . -31.48 -5.61 -17.51
O3 NAG F . -29.34 -6.35 -19.24
O4 NAG F . -28.18 -4.17 -20.76
O5 NAG F . -31.62 -3.00 -20.14
O6 NAG F . -31.16 -3.10 -22.82
O7 NAG F . -33.49 -6.47 -18.02
C1 BMA F . -27.73 -4.91 -21.92
C2 BMA F . -26.81 -4.00 -22.71
C3 BMA F . -26.40 -4.74 -23.99
C4 BMA F . -25.68 -6.06 -23.63
C5 BMA F . -26.57 -6.91 -22.67
C6 BMA F . -25.86 -8.13 -22.11
O2 BMA F . -25.62 -3.77 -21.97
O3 BMA F . -25.70 -3.87 -24.95
O4 BMA F . -25.43 -6.82 -24.81
O5 BMA F . -27.03 -6.09 -21.55
O6 BMA F . -26.83 -9.00 -21.54
C1 MAN F . -24.26 -3.96 -24.96
C2 MAN F . -23.70 -2.71 -24.24
C3 MAN F . -23.96 -1.46 -25.09
C4 MAN F . -23.45 -1.65 -26.53
C5 MAN F . -24.08 -2.91 -27.14
C6 MAN F . -23.55 -3.23 -28.54
O2 MAN F . -22.28 -2.80 -24.08
O3 MAN F . -23.37 -0.30 -24.51
O4 MAN F . -23.81 -0.53 -27.32
O5 MAN F . -23.78 -4.05 -26.30
O6 MAN F . -23.88 -2.14 -29.40
C1 NAG G . 29.24 8.61 12.33
C2 NAG G . 29.99 9.71 13.15
C3 NAG G . 29.18 11.02 13.24
C4 NAG G . 27.75 10.80 13.73
C5 NAG G . 27.39 9.33 13.67
C6 NAG G . 25.91 9.07 13.81
C7 NAG G . 31.36 9.73 15.19
C8 NAG G . 31.60 9.10 16.52
N2 NAG G . 30.35 9.22 14.47
O3 NAG G . 29.17 11.67 11.98
O4 NAG G . 27.60 11.28 15.06
O5 NAG G . 27.81 8.83 12.41
O6 NAG G . 25.68 8.01 14.74
O7 NAG G . 32.05 10.66 14.77
C1 NAG G . 24.75 8.34 15.78
C2 NAG G . 25.49 9.08 16.89
C3 NAG G . 24.52 9.46 18.00
C4 NAG G . 23.36 10.27 17.43
C5 NAG G . 22.72 9.51 16.26
C6 NAG G . 21.65 10.31 15.56
C7 NAG G . 27.77 8.79 17.76
C8 NAG G . 28.77 7.80 18.31
N2 NAG G . 26.59 8.27 17.43
O3 NAG G . 25.19 10.22 19.00
O4 NAG G . 22.38 10.49 18.43
O5 NAG G . 23.71 9.18 15.28
O6 NAG G . 22.22 11.31 14.72
O7 NAG G . 28.03 9.97 17.62
C1 NAG H . 16.70 0.16 34.38
C2 NAG H . 17.92 -0.23 33.56
C3 NAG H . 18.42 0.98 32.80
C4 NAG H . 17.31 1.59 31.96
C5 NAG H . 16.00 1.75 32.75
C6 NAG H . 14.81 2.04 31.85
C7 NAG H . 19.01 -2.12 34.68
C8 NAG H . 20.17 -2.56 35.54
N2 NAG H . 18.96 -0.82 34.39
O3 NAG H . 19.52 0.60 31.98
O4 NAG H . 17.71 2.90 31.55
O5 NAG H . 15.66 0.57 33.51
O6 NAG H . 13.63 2.31 32.59
O7 NAG H . 18.16 -2.90 34.28
C1 NAG H . 18.26 3.00 30.23
C2 NAG H . 17.89 4.39 29.72
C3 NAG H . 18.52 4.65 28.35
C4 NAG H . 20.03 4.53 28.48
C5 NAG H . 20.38 3.11 28.95
C6 NAG H . 21.85 2.92 29.20
C7 NAG H . 15.76 5.19 30.63
C8 NAG H . 14.28 5.30 30.43
N2 NAG H . 16.45 4.56 29.66
O3 NAG H . 18.16 5.94 27.88
O4 NAG H . 20.70 4.90 27.27
O5 NAG H . 19.71 2.84 30.20
O6 NAG H . 22.13 1.66 29.80
O7 NAG H . 16.31 5.63 31.64
C1 BMA H . 20.50 3.98 26.18
C2 BMA H . 19.96 4.78 24.93
C3 BMA H . 21.07 5.51 24.18
C4 BMA H . 22.19 4.55 23.75
C5 BMA H . 22.76 3.71 24.95
C6 BMA H . 23.93 4.38 25.68
O2 BMA H . 19.03 5.77 25.34
O3 BMA H . 21.60 6.62 24.91
O4 BMA H . 21.74 3.68 22.73
O5 BMA H . 21.74 3.24 25.92
O6 BMA H . 24.97 3.43 25.84
C1 MAN H . 21.74 7.82 24.09
C2 MAN H . 20.41 8.63 24.22
C3 MAN H . 20.41 9.85 23.27
C4 MAN H . 20.90 9.49 21.84
C5 MAN H . 21.13 7.97 21.68
C6 MAN H . 21.72 7.59 20.33
O2 MAN H . 20.24 9.17 25.52
O3 MAN H . 21.19 10.93 23.79
O4 MAN H . 19.93 9.91 20.89
O5 MAN H . 22.06 7.52 22.72
O6 MAN H . 20.74 7.83 19.34
C1 MAN H . 26.12 3.79 25.06
C2 MAN H . 26.22 2.76 23.93
C3 MAN H . 27.67 2.41 23.61
C4 MAN H . 28.60 3.61 23.82
C5 MAN H . 28.53 4.08 25.27
C6 MAN H . 28.78 5.59 25.43
O2 MAN H . 25.65 3.25 22.72
O3 MAN H . 27.82 1.91 22.28
O4 MAN H . 29.94 3.25 23.50
O5 MAN H . 27.25 3.77 25.88
O6 MAN H . 30.00 5.90 24.77
C1 NAG I . 26.65 -28.47 11.22
C2 NAG I . 27.10 -29.54 12.22
C3 NAG I . 27.02 -30.95 11.61
C4 NAG I . 25.67 -31.19 10.94
C5 NAG I . 25.37 -30.04 9.99
C6 NAG I . 24.01 -30.15 9.32
C7 NAG I . 28.74 -28.60 13.80
C8 NAG I . 30.20 -28.38 14.07
N2 NAG I . 28.45 -29.26 12.67
O3 NAG I . 27.22 -31.90 12.64
O4 NAG I . 25.69 -32.38 10.17
O5 NAG I . 25.37 -28.80 10.71
O6 NAG I . 24.10 -30.82 8.06
O7 NAG I . 27.86 -28.21 14.56
C1 NAG I . 25.10 -33.56 10.74
C2 NAG I . 23.59 -33.65 10.47
C3 NAG I . 23.05 -35.04 10.81
C4 NAG I . 23.87 -36.12 10.11
C5 NAG I . 25.33 -35.96 10.51
C6 NAG I . 26.25 -36.96 9.85
C7 NAG I . 21.79 -32.00 10.79
C8 NAG I . 21.18 -31.00 11.72
N2 NAG I . 22.87 -32.65 11.24
O3 NAG I . 21.69 -35.13 10.40
O4 NAG I . 23.41 -37.42 10.48
O5 NAG I . 25.77 -34.66 10.11
O6 NAG I . 25.97 -38.28 10.28
O7 NAG I . 21.34 -32.20 9.67
C1 NAG J . -52.23 18.70 -13.31
C2 NAG J . -53.38 17.78 -13.70
C3 NAG J . -54.66 18.58 -13.84
C4 NAG J . -54.96 19.31 -12.54
C5 NAG J . -53.76 20.16 -12.11
C6 NAG J . -53.93 20.75 -10.72
C7 NAG J . -53.37 15.74 -15.06
C8 NAG J . -53.04 15.13 -16.39
N2 NAG J . -53.10 17.05 -14.92
O3 NAG J . -55.74 17.74 -14.20
O4 NAG J . -56.10 20.15 -12.69
O5 NAG J . -52.56 19.37 -12.07
O6 NAG J . -55.30 20.97 -10.42
O7 NAG J . -53.86 15.08 -14.16
C1 NAG K . -5.63 0.89 37.34
C2 NAG K . -7.02 0.33 37.58
C3 NAG K . -7.75 1.23 38.58
C4 NAG K . -6.93 1.35 39.86
C5 NAG K . -5.47 1.74 39.56
C6 NAG K . -4.59 1.62 40.78
C7 NAG K . -8.44 -0.90 35.99
C8 NAG K . -9.18 -0.85 34.69
N2 NAG K . -7.78 0.22 36.34
O3 NAG K . -9.03 0.68 38.87
O4 NAG K . -7.50 2.34 40.69
O5 NAG K . -4.89 0.88 38.55
O6 NAG K . -4.66 0.32 41.34
O7 NAG K . -8.42 -1.91 36.70
#